data_7UIA
#
_entry.id   7UIA
#
_cell.length_a   140.742
_cell.length_b   172.335
_cell.length_c   137.162
_cell.angle_alpha   90.00
_cell.angle_beta   90.00
_cell.angle_gamma   90.00
#
_symmetry.space_group_name_H-M   'C 2 2 21'
#
loop_
_entity.id
_entity.type
_entity.pdbx_description
1 polymer VHH-G6
2 polymer SV2Ac
3 polymer 'Neurotoxin type E'
4 branched 2-acetamido-2-deoxy-beta-D-glucopyranose-(1-4)-2-acetamido-2-deoxy-beta-D-glucopyranose
5 non-polymer 2-acetamido-2-deoxy-beta-D-glucopyranose
6 non-polymer 'SULFATE ION'
7 non-polymer DI(HYDROXYETHYL)ETHER
8 water water
#
loop_
_entity_poly.entity_id
_entity_poly.type
_entity_poly.pdbx_seq_one_letter_code
_entity_poly.pdbx_strand_id
1 'polypeptide(L)'
;QLQLVETGGGLVKPGGSLRLSCVVSGFTFDDYRMAWVRQAPGKELEWVSSIDSWSINTYYEDSVKGRFTISTDNAKNTLY
LQMSSLKPEDTAVYYCAAEDRLGVPTINAHPSKYDYNYWGQGTQVTVSS
;
B,E
2 'polypeptide(L)'
;VERDKYANFTINFTMENQIHTGMEYDNGRFIGVKFKSVTFKDSVFKECYFEDVTSSNTFFRNCTFINTVFYNTDLFEYKF
VNSRLINSTFLHNKEGTSPSASGGS
;
C,F
3 'polypeptide(L)'
;RIKSSSVLNMRYKNDKYVDTSGYDSNININGDVYKYPTNKNQFGIYNDKLSEVNISQNDYIIYDNKYKNFSISFWVRIPN
YDNKIVNVNNEYTIINCMRDNNSGWKVSLNHNEIIWTLQDNAGINQKLAFNYGNANGISDYINKWIFVTITNDRLGDSKL
YINGNLIDQKSILNLGNIHVSDNILFKIVNCSYTRYIGIRYFNIFDKELDETEIQTLYSNEPNTNILKDFWGNYLLYDKE
YYLLNVLKPNNFIDRRKDSTLSINNIRSTILLANRLYSGIKVKIQRVNNSSTNDNLVRKNDQVYINFVASKTHLFPLYAD
TATTNKEKTIKISSSGNRFNQVVVMNSVGNNCTMNFKNNNGNNIGLLGFKADTVVASTWYYTHMRDHTNSNGCFWNFISE
EHGWQEK
;
D,A
#
# COMPACT_ATOMS: atom_id res chain seq x y z
N LEU A 2 3.61 -12.54 -5.89
CA LEU A 2 4.58 -12.19 -6.97
C LEU A 2 6.00 -12.61 -6.55
N GLN A 3 6.21 -13.93 -6.40
CA GLN A 3 7.54 -14.50 -6.02
C GLN A 3 7.79 -15.79 -6.79
N LEU A 4 9.06 -16.04 -7.06
CA LEU A 4 9.58 -17.29 -7.66
C LEU A 4 10.71 -17.81 -6.78
N VAL A 5 10.72 -19.11 -6.52
CA VAL A 5 11.78 -19.78 -5.73
C VAL A 5 12.28 -21.00 -6.52
N GLU A 6 13.58 -21.04 -6.80
CA GLU A 6 14.21 -22.15 -7.54
C GLU A 6 14.85 -23.12 -6.55
N THR A 7 14.91 -24.39 -6.95
CA THR A 7 15.66 -25.46 -6.25
C THR A 7 16.05 -26.52 -7.28
N GLY A 8 16.87 -27.49 -6.87
CA GLY A 8 17.25 -28.64 -7.69
C GLY A 8 18.70 -28.57 -8.16
N GLY A 9 19.37 -27.43 -7.96
CA GLY A 9 20.77 -27.23 -8.35
C GLY A 9 21.71 -27.99 -7.44
N GLY A 10 22.79 -28.54 -8.00
CA GLY A 10 23.77 -29.32 -7.25
C GLY A 10 25.09 -29.42 -8.00
N LEU A 11 25.97 -30.29 -7.50
CA LEU A 11 27.31 -30.55 -8.08
C LEU A 11 27.25 -31.89 -8.81
N VAL A 12 27.59 -31.89 -10.10
CA VAL A 12 27.48 -33.06 -11.00
C VAL A 12 28.80 -33.23 -11.75
N LYS A 13 28.97 -34.40 -12.36
CA LYS A 13 30.10 -34.72 -13.26
C LYS A 13 29.66 -34.49 -14.70
N PRO A 14 30.61 -34.29 -15.64
CA PRO A 14 30.28 -34.20 -17.06
C PRO A 14 29.47 -35.43 -17.53
N GLY A 15 28.26 -35.19 -18.04
CA GLY A 15 27.36 -36.22 -18.57
C GLY A 15 26.23 -36.55 -17.62
N GLY A 16 26.24 -36.00 -16.39
CA GLY A 16 25.19 -36.22 -15.38
C GLY A 16 23.89 -35.51 -15.76
N SER A 17 22.93 -35.52 -14.83
CA SER A 17 21.56 -34.98 -15.05
C SER A 17 21.13 -34.15 -13.83
N LEU A 18 20.24 -33.19 -14.06
CA LEU A 18 19.72 -32.27 -13.02
C LEU A 18 18.29 -31.85 -13.39
N ARG A 19 17.41 -31.72 -12.39
CA ARG A 19 15.99 -31.29 -12.58
C ARG A 19 15.73 -30.06 -11.70
N LEU A 20 15.77 -28.86 -12.30
CA LEU A 20 15.51 -27.59 -11.60
C LEU A 20 14.01 -27.35 -11.60
N SER A 21 13.49 -26.85 -10.48
CA SER A 21 12.05 -26.52 -10.32
C SER A 21 11.94 -25.06 -9.85
N CYS A 22 10.97 -24.32 -10.37
CA CYS A 22 10.65 -22.95 -9.91
C CYS A 22 9.17 -22.89 -9.52
N VAL A 23 8.90 -22.75 -8.22
CA VAL A 23 7.53 -22.62 -7.65
C VAL A 23 7.19 -21.14 -7.63
N VAL A 24 5.98 -20.79 -8.07
CA VAL A 24 5.52 -19.37 -8.15
C VAL A 24 4.40 -19.17 -7.14
N SER A 25 4.23 -17.94 -6.68
CA SER A 25 3.13 -17.46 -5.82
C SER A 25 2.68 -16.08 -6.32
N GLY A 26 1.38 -15.88 -6.50
CA GLY A 26 0.79 -14.58 -6.88
C GLY A 26 0.23 -14.55 -8.29
N PHE A 27 0.59 -15.52 -9.15
CA PHE A 27 0.14 -15.58 -10.56
C PHE A 27 0.34 -16.99 -11.12
N THR A 28 -0.46 -17.36 -12.14
CA THR A 28 -0.30 -18.62 -12.91
C THR A 28 0.39 -18.32 -14.24
N PHE A 29 0.70 -19.37 -15.01
CA PHE A 29 1.51 -19.30 -16.26
C PHE A 29 0.64 -18.94 -17.47
N ASP A 30 -0.61 -18.54 -17.26
CA ASP A 30 -1.54 -18.16 -18.34
C ASP A 30 -1.22 -16.73 -18.82
N ASP A 31 -0.80 -15.85 -17.90
CA ASP A 31 -0.59 -14.41 -18.18
C ASP A 31 0.90 -14.05 -18.19
N TYR A 32 1.80 -15.04 -18.07
CA TYR A 32 3.26 -14.81 -18.03
C TYR A 32 3.99 -15.92 -18.78
N ARG A 33 5.02 -15.56 -19.53
CA ARG A 33 5.94 -16.53 -20.18
C ARG A 33 7.09 -16.81 -19.22
N MET A 34 7.33 -18.08 -18.87
CA MET A 34 8.38 -18.44 -17.89
C MET A 34 9.69 -18.72 -18.64
N ALA A 35 10.82 -18.35 -18.03
CA ALA A 35 12.16 -18.41 -18.64
C ALA A 35 13.21 -18.89 -17.64
N TRP A 36 14.28 -19.50 -18.17
CA TRP A 36 15.51 -19.87 -17.43
C TRP A 36 16.65 -19.01 -17.97
N VAL A 37 17.37 -18.32 -17.09
CA VAL A 37 18.54 -17.48 -17.46
C VAL A 37 19.70 -17.90 -16.57
N ARG A 38 20.87 -18.08 -17.17
CA ARG A 38 22.09 -18.57 -16.46
C ARG A 38 23.08 -17.41 -16.37
N GLN A 39 23.79 -17.33 -15.23
CA GLN A 39 24.92 -16.42 -15.01
C GLN A 39 26.17 -17.26 -14.74
N ALA A 40 27.06 -17.38 -15.73
CA ALA A 40 28.36 -18.07 -15.57
C ALA A 40 29.36 -17.10 -14.94
N PRO A 41 30.27 -17.56 -14.07
CA PRO A 41 31.24 -16.66 -13.41
C PRO A 41 32.07 -15.87 -14.43
N GLY A 42 32.07 -14.54 -14.29
CA GLY A 42 32.80 -13.60 -15.16
C GLY A 42 32.00 -13.17 -16.39
N LYS A 43 30.86 -13.82 -16.67
CA LYS A 43 30.03 -13.57 -17.88
C LYS A 43 28.82 -12.71 -17.50
N GLU A 44 28.16 -12.11 -18.49
CA GLU A 44 26.86 -11.40 -18.33
C GLU A 44 25.72 -12.43 -18.38
N LEU A 45 24.53 -12.03 -17.95
CA LEU A 45 23.34 -12.92 -17.92
C LEU A 45 23.10 -13.49 -19.32
N GLU A 46 22.84 -14.80 -19.41
CA GLU A 46 22.58 -15.53 -20.68
C GLU A 46 21.26 -16.29 -20.57
N TRP A 47 20.33 -15.97 -21.47
CA TRP A 47 18.98 -16.59 -21.57
C TRP A 47 19.13 -18.07 -21.94
N VAL A 48 18.47 -18.98 -21.20
CA VAL A 48 18.60 -20.45 -21.42
C VAL A 48 17.40 -20.97 -22.20
N SER A 49 16.18 -20.80 -21.68
CA SER A 49 14.95 -21.35 -22.31
C SER A 49 13.71 -20.53 -21.89
N SER A 50 12.60 -20.76 -22.58
CA SER A 50 11.29 -20.11 -22.37
C SER A 50 10.16 -21.03 -22.85
N ILE A 51 8.99 -20.90 -22.25
CA ILE A 51 7.80 -21.74 -22.55
C ILE A 51 6.56 -20.85 -22.58
N ASP A 52 5.75 -21.01 -23.61
CA ASP A 52 4.40 -20.39 -23.69
C ASP A 52 3.38 -21.44 -23.23
N SER A 53 2.81 -21.25 -22.03
CA SER A 53 1.93 -22.24 -21.36
C SER A 53 0.56 -22.30 -22.05
N TRP A 54 0.06 -21.16 -22.54
CA TRP A 54 -1.20 -21.06 -23.36
C TRP A 54 -1.03 -21.87 -24.64
N SER A 55 0.13 -21.76 -25.29
CA SER A 55 0.46 -22.45 -26.56
C SER A 55 1.28 -23.72 -26.26
N ILE A 56 1.87 -24.32 -27.29
CA ILE A 56 2.80 -25.48 -27.20
C ILE A 56 4.18 -25.02 -27.70
N ASN A 57 4.44 -23.71 -27.61
CA ASN A 57 5.67 -23.07 -28.14
C ASN A 57 6.71 -22.98 -27.01
N THR A 58 7.87 -23.60 -27.24
CA THR A 58 9.05 -23.58 -26.33
C THR A 58 10.24 -23.09 -27.14
N TYR A 59 11.12 -22.35 -26.48
CA TYR A 59 12.31 -21.71 -27.08
C TYR A 59 13.53 -22.25 -26.33
N TYR A 60 14.65 -22.36 -27.04
CA TYR A 60 15.95 -22.83 -26.51
C TYR A 60 17.04 -21.96 -27.12
N GLU A 61 18.09 -21.63 -26.37
CA GLU A 61 19.29 -20.96 -26.90
C GLU A 61 20.05 -21.97 -27.78
N ASP A 62 20.76 -21.48 -28.81
CA ASP A 62 21.40 -22.29 -29.90
C ASP A 62 22.17 -23.50 -29.32
N SER A 63 22.85 -23.36 -28.17
CA SER A 63 23.73 -24.38 -27.54
C SER A 63 22.92 -25.45 -26.79
N VAL A 64 22.26 -25.04 -25.71
CA VAL A 64 21.55 -25.89 -24.69
C VAL A 64 20.72 -26.98 -25.37
N LYS A 65 19.86 -26.59 -26.31
CA LYS A 65 18.85 -27.44 -27.02
C LYS A 65 19.36 -28.87 -27.22
N GLY A 66 18.51 -29.85 -26.89
CA GLY A 66 18.81 -31.28 -27.03
C GLY A 66 18.99 -31.94 -25.67
N ARG A 67 19.69 -31.28 -24.75
CA ARG A 67 20.03 -31.83 -23.41
C ARG A 67 19.11 -31.23 -22.34
N PHE A 68 18.69 -29.97 -22.52
CA PHE A 68 17.83 -29.21 -21.57
C PHE A 68 16.40 -29.17 -22.11
N THR A 69 15.42 -29.44 -21.26
CA THR A 69 13.96 -29.40 -21.62
C THR A 69 13.18 -28.61 -20.57
N ILE A 70 12.52 -27.53 -21.01
CA ILE A 70 11.62 -26.72 -20.13
C ILE A 70 10.24 -27.37 -20.14
N SER A 71 9.57 -27.38 -18.98
CA SER A 71 8.21 -27.93 -18.77
C SER A 71 7.46 -27.12 -17.71
N THR A 72 6.13 -27.25 -17.69
CA THR A 72 5.25 -26.72 -16.62
C THR A 72 4.20 -27.79 -16.30
N ASP A 73 3.63 -27.71 -15.09
CA ASP A 73 2.58 -28.63 -14.57
C ASP A 73 1.23 -28.27 -15.21
N ASN A 74 0.17 -29.00 -14.85
CA ASN A 74 -1.20 -28.75 -15.34
C ASN A 74 -1.94 -27.76 -14.43
N ALA A 75 -1.35 -27.40 -13.28
CA ALA A 75 -1.88 -26.34 -12.37
C ALA A 75 -1.37 -24.97 -12.84
N LYS A 76 -0.34 -24.95 -13.69
CA LYS A 76 0.26 -23.75 -14.34
C LYS A 76 0.88 -22.82 -13.27
N ASN A 77 1.67 -23.36 -12.34
CA ASN A 77 2.33 -22.56 -11.27
C ASN A 77 3.66 -23.16 -10.83
N THR A 78 4.13 -24.23 -11.49
CA THR A 78 5.48 -24.82 -11.21
C THR A 78 6.21 -25.01 -12.54
N LEU A 79 7.42 -24.46 -12.61
CA LEU A 79 8.27 -24.44 -13.82
C LEU A 79 9.42 -25.44 -13.63
N TYR A 80 9.69 -26.25 -14.64
CA TYR A 80 10.73 -27.30 -14.61
C TYR A 80 11.75 -27.05 -15.73
N LEU A 81 12.98 -27.50 -15.52
CA LEU A 81 14.02 -27.61 -16.58
C LEU A 81 14.82 -28.89 -16.35
N GLN A 82 14.45 -29.96 -17.05
CA GLN A 82 15.17 -31.27 -17.06
C GLN A 82 16.50 -31.05 -17.79
N MET A 83 17.61 -31.05 -17.06
CA MET A 83 18.97 -30.84 -17.63
C MET A 83 19.71 -32.17 -17.65
N SER A 84 20.01 -32.71 -18.84
CA SER A 84 20.73 -33.99 -19.02
C SER A 84 22.03 -33.76 -19.82
N SER A 85 22.89 -34.78 -19.88
CA SER A 85 24.18 -34.79 -20.63
C SER A 85 24.98 -33.52 -20.30
N LEU A 86 25.08 -33.16 -19.01
CA LEU A 86 25.66 -31.89 -18.52
C LEU A 86 27.12 -31.76 -18.96
N LYS A 87 27.48 -30.60 -19.52
CA LYS A 87 28.86 -30.20 -19.91
C LYS A 87 29.37 -29.26 -18.82
N PRO A 88 30.70 -29.10 -18.62
CA PRO A 88 31.21 -28.24 -17.54
C PRO A 88 31.10 -26.72 -17.77
N GLU A 89 30.70 -26.26 -18.96
CA GLU A 89 30.50 -24.81 -19.25
C GLU A 89 29.06 -24.41 -18.95
N ASP A 90 28.23 -25.39 -18.54
CA ASP A 90 26.85 -25.20 -18.02
C ASP A 90 26.92 -24.62 -16.61
N THR A 91 28.00 -24.92 -15.89
CA THR A 91 28.22 -24.46 -14.50
C THR A 91 27.88 -22.96 -14.44
N ALA A 92 26.85 -22.62 -13.67
CA ALA A 92 26.32 -21.24 -13.55
C ALA A 92 25.28 -21.19 -12.43
N VAL A 93 24.90 -19.98 -12.05
CA VAL A 93 23.67 -19.74 -11.24
C VAL A 93 22.51 -19.65 -12.24
N TYR A 94 21.43 -20.37 -11.96
CA TYR A 94 20.24 -20.49 -12.85
C TYR A 94 19.03 -19.87 -12.16
N TYR A 95 18.45 -18.88 -12.83
CA TYR A 95 17.29 -18.09 -12.34
C TYR A 95 16.07 -18.43 -13.20
N CYS A 96 14.93 -18.59 -12.55
CA CYS A 96 13.61 -18.60 -13.23
C CYS A 96 13.11 -17.15 -13.28
N ALA A 97 12.48 -16.78 -14.39
CA ALA A 97 11.98 -15.42 -14.67
C ALA A 97 10.62 -15.50 -15.37
N ALA A 98 9.78 -14.49 -15.13
CA ALA A 98 8.43 -14.38 -15.70
C ALA A 98 8.38 -13.10 -16.53
N GLU A 99 8.02 -13.22 -17.80
CA GLU A 99 7.77 -12.07 -18.71
C GLU A 99 6.26 -11.94 -18.91
N ASP A 100 5.72 -10.73 -18.80
CA ASP A 100 4.33 -10.44 -19.20
C ASP A 100 4.19 -10.79 -20.68
N ARG A 101 3.24 -11.66 -21.00
CA ARG A 101 3.05 -12.19 -22.37
C ARG A 101 2.52 -11.08 -23.29
N LEU A 102 1.85 -10.07 -22.72
CA LEU A 102 1.21 -8.96 -23.49
C LEU A 102 2.26 -7.95 -23.97
N GLY A 103 3.48 -8.01 -23.46
CA GLY A 103 4.58 -7.12 -23.87
C GLY A 103 5.13 -7.53 -25.21
N VAL A 104 6.09 -6.74 -25.72
CA VAL A 104 6.82 -7.05 -26.97
C VAL A 104 7.49 -8.40 -26.79
N PRO A 105 7.26 -9.37 -27.70
CA PRO A 105 7.71 -10.75 -27.50
C PRO A 105 9.17 -11.02 -27.91
N THR A 106 9.99 -9.98 -28.05
CA THR A 106 11.43 -10.12 -28.35
C THR A 106 12.08 -10.95 -27.25
N ILE A 107 13.09 -11.74 -27.63
CA ILE A 107 13.94 -12.51 -26.68
C ILE A 107 15.39 -12.08 -26.93
N ASN A 108 15.89 -11.17 -26.10
CA ASN A 108 17.32 -10.76 -26.09
C ASN A 108 18.11 -11.87 -25.38
N ALA A 109 19.26 -12.24 -25.93
CA ALA A 109 20.11 -13.33 -25.43
C ALA A 109 20.94 -12.83 -24.24
N HIS A 110 21.18 -11.52 -24.17
CA HIS A 110 21.91 -10.85 -23.06
C HIS A 110 20.97 -9.87 -22.36
N PRO A 111 19.97 -10.39 -21.61
CA PRO A 111 18.96 -9.53 -21.02
C PRO A 111 19.49 -8.76 -19.80
N SER A 112 18.81 -7.67 -19.46
CA SER A 112 19.00 -6.88 -18.23
C SER A 112 17.84 -7.19 -17.28
N LYS A 113 17.80 -6.53 -16.13
CA LYS A 113 16.77 -6.74 -15.09
C LYS A 113 15.37 -6.47 -15.66
N TYR A 114 15.21 -5.52 -16.59
CA TYR A 114 13.87 -5.07 -17.08
C TYR A 114 13.33 -5.98 -18.20
N ASP A 115 14.06 -7.01 -18.62
CA ASP A 115 13.60 -7.95 -19.68
C ASP A 115 12.54 -8.90 -19.15
N TYR A 116 12.39 -9.04 -17.82
CA TYR A 116 11.39 -9.92 -17.17
C TYR A 116 10.80 -9.23 -15.94
N ASN A 117 9.56 -9.59 -15.60
CA ASN A 117 8.78 -8.98 -14.50
C ASN A 117 9.37 -9.40 -13.15
N TYR A 118 9.50 -10.71 -12.95
CA TYR A 118 9.99 -11.32 -11.67
C TYR A 118 11.18 -12.22 -11.97
N TRP A 119 12.23 -12.06 -11.18
CA TRP A 119 13.40 -12.98 -11.15
C TRP A 119 13.37 -13.75 -9.83
N GLY A 120 13.87 -14.98 -9.84
CA GLY A 120 14.00 -15.81 -8.64
C GLY A 120 15.24 -15.47 -7.84
N GLN A 121 15.60 -16.32 -6.87
CA GLN A 121 16.79 -16.13 -6.00
C GLN A 121 18.02 -16.79 -6.64
N GLY A 122 17.80 -17.74 -7.55
CA GLY A 122 18.86 -18.49 -8.25
C GLY A 122 19.21 -19.78 -7.53
N THR A 123 19.67 -20.78 -8.29
CA THR A 123 20.15 -22.09 -7.77
C THR A 123 21.44 -22.47 -8.49
N GLN A 124 22.47 -22.85 -7.72
CA GLN A 124 23.84 -23.08 -8.27
C GLN A 124 23.88 -24.45 -8.92
N VAL A 125 24.36 -24.50 -10.16
CA VAL A 125 24.64 -25.77 -10.89
C VAL A 125 26.13 -25.79 -11.17
N THR A 126 26.81 -26.82 -10.68
CA THR A 126 28.28 -27.00 -10.81
C THR A 126 28.54 -28.35 -11.47
N VAL A 127 29.27 -28.34 -12.58
CA VAL A 127 29.70 -29.58 -13.30
C VAL A 127 31.22 -29.69 -13.15
N SER A 128 31.65 -30.62 -12.29
CA SER A 128 33.08 -30.83 -11.93
C SER A 128 33.49 -32.26 -12.28
N SER A 129 34.74 -32.44 -12.74
CA SER A 129 35.34 -33.75 -13.09
C SER A 129 35.71 -34.50 -11.80
N GLU B 2 13.58 41.56 1.02
CA GLU B 2 15.02 41.99 0.91
C GLU B 2 15.93 40.78 0.70
N ARG B 3 15.42 39.72 0.06
CA ARG B 3 16.13 38.44 -0.14
C ARG B 3 16.79 38.44 -1.52
N ASP B 4 18.06 38.03 -1.58
CA ASP B 4 18.80 37.86 -2.85
C ASP B 4 18.11 36.76 -3.65
N LYS B 5 17.61 37.10 -4.84
CA LYS B 5 16.78 36.19 -5.65
C LYS B 5 17.67 35.46 -6.65
N TYR B 6 17.35 34.19 -6.89
CA TYR B 6 17.93 33.35 -7.96
C TYR B 6 16.81 32.47 -8.49
N ALA B 7 16.66 32.41 -9.80
CA ALA B 7 15.55 31.69 -10.46
C ALA B 7 16.07 30.86 -11.64
N ASN B 8 15.34 29.79 -11.98
CA ASN B 8 15.47 29.01 -13.23
C ASN B 8 16.87 28.43 -13.34
N PHE B 9 17.37 27.85 -12.25
CA PHE B 9 18.73 27.26 -12.18
C PHE B 9 18.63 25.78 -11.82
N THR B 10 19.59 25.01 -12.31
CA THR B 10 19.76 23.57 -12.01
C THR B 10 21.12 23.36 -11.35
N ILE B 11 21.13 22.77 -10.15
CA ILE B 11 22.37 22.41 -9.42
C ILE B 11 22.52 20.90 -9.40
N ASN B 12 23.67 20.40 -9.86
CA ASN B 12 23.93 18.94 -10.03
C ASN B 12 25.28 18.57 -9.41
N PHE B 13 25.77 19.38 -8.47
CA PHE B 13 27.10 19.17 -7.85
C PHE B 13 26.98 19.22 -6.33
N THR B 14 27.93 18.58 -5.66
CA THR B 14 28.05 18.59 -4.18
C THR B 14 28.15 20.04 -3.69
N MET B 15 27.46 20.33 -2.59
CA MET B 15 27.53 21.64 -1.88
C MET B 15 28.02 21.37 -0.47
N GLU B 16 29.14 22.00 -0.09
CA GLU B 16 29.87 21.68 1.16
C GLU B 16 30.11 22.98 1.94
N ASN B 17 29.90 22.93 3.27
CA ASN B 17 30.35 23.95 4.25
C ASN B 17 29.90 25.34 3.81
N GLN B 18 28.58 25.54 3.70
CA GLN B 18 27.96 26.78 3.20
C GLN B 18 26.80 27.15 4.10
N ILE B 19 26.66 28.45 4.37
CA ILE B 19 25.46 29.06 5.01
C ILE B 19 24.88 30.05 4.02
N HIS B 20 23.63 29.83 3.62
CA HIS B 20 22.86 30.73 2.73
C HIS B 20 21.76 31.37 3.57
N THR B 21 21.84 32.68 3.75
CA THR B 21 20.88 33.46 4.58
C THR B 21 20.10 34.43 3.70
N GLY B 22 18.80 34.55 3.96
CA GLY B 22 17.91 35.53 3.31
C GLY B 22 17.97 35.42 1.79
N MET B 23 17.73 34.22 1.26
CA MET B 23 17.75 33.94 -0.21
C MET B 23 16.35 33.52 -0.67
N GLU B 24 16.00 33.86 -1.90
CA GLU B 24 14.71 33.47 -2.53
C GLU B 24 15.02 32.68 -3.81
N TYR B 25 14.89 31.35 -3.74
CA TYR B 25 15.07 30.44 -4.91
C TYR B 25 13.70 30.21 -5.55
N ASP B 26 13.56 30.64 -6.81
CA ASP B 26 12.33 30.48 -7.62
C ASP B 26 12.62 29.48 -8.74
N ASN B 27 11.90 28.35 -8.76
CA ASN B 27 12.03 27.32 -9.81
C ASN B 27 13.48 26.82 -9.87
N GLY B 28 14.06 26.52 -8.71
CA GLY B 28 15.39 25.91 -8.59
C GLY B 28 15.30 24.41 -8.70
N ARG B 29 16.29 23.78 -9.31
CA ARG B 29 16.40 22.30 -9.40
C ARG B 29 17.67 21.85 -8.68
N PHE B 30 17.52 20.93 -7.74
CA PHE B 30 18.64 20.25 -7.04
C PHE B 30 18.56 18.77 -7.39
N ILE B 31 19.37 18.33 -8.35
CA ILE B 31 19.28 16.95 -8.93
C ILE B 31 20.65 16.28 -8.80
N GLY B 32 20.70 15.19 -8.04
CA GLY B 32 21.95 14.43 -7.79
C GLY B 32 22.89 15.20 -6.87
N VAL B 33 22.37 16.08 -6.02
CA VAL B 33 23.18 16.93 -5.11
C VAL B 33 23.35 16.18 -3.79
N LYS B 34 24.58 16.13 -3.30
CA LYS B 34 24.90 15.70 -1.92
C LYS B 34 25.18 16.96 -1.09
N PHE B 35 24.37 17.19 -0.06
CA PHE B 35 24.55 18.31 0.89
C PHE B 35 25.45 17.83 2.03
N LYS B 36 26.47 18.63 2.34
CA LYS B 36 27.44 18.34 3.42
C LYS B 36 27.65 19.61 4.25
N SER B 37 27.10 19.65 5.45
CA SER B 37 27.24 20.78 6.39
C SER B 37 26.74 22.07 5.72
N VAL B 38 25.55 22.01 5.13
CA VAL B 38 24.91 23.17 4.47
C VAL B 38 23.73 23.60 5.34
N THR B 39 23.54 24.91 5.49
CA THR B 39 22.44 25.50 6.29
C THR B 39 21.79 26.62 5.49
N PHE B 40 20.49 26.47 5.23
CA PHE B 40 19.63 27.54 4.65
C PHE B 40 18.89 28.23 5.78
N LYS B 41 19.09 29.54 5.91
CA LYS B 41 18.41 30.36 6.94
C LYS B 41 17.53 31.40 6.24
N ASP B 42 16.36 31.68 6.81
CA ASP B 42 15.45 32.77 6.40
C ASP B 42 15.36 32.78 4.87
N SER B 43 15.23 31.61 4.27
CA SER B 43 15.16 31.46 2.80
C SER B 43 13.76 31.00 2.40
N VAL B 44 13.37 31.35 1.17
CA VAL B 44 12.08 30.94 0.57
C VAL B 44 12.39 30.11 -0.67
N PHE B 45 11.74 28.95 -0.78
CA PHE B 45 11.84 28.03 -1.94
C PHE B 45 10.49 28.06 -2.66
N LYS B 46 10.45 28.75 -3.80
CA LYS B 46 9.23 28.94 -4.62
C LYS B 46 9.30 28.00 -5.81
N GLU B 47 8.37 27.04 -5.87
CA GLU B 47 8.23 26.10 -7.00
C GLU B 47 9.58 25.46 -7.32
N CYS B 48 10.29 24.98 -6.30
CA CYS B 48 11.61 24.33 -6.46
C CYS B 48 11.43 22.82 -6.59
N TYR B 49 12.47 22.15 -7.06
CA TYR B 49 12.47 20.69 -7.31
C TYR B 49 13.78 20.10 -6.78
N PHE B 50 13.65 19.00 -6.03
CA PHE B 50 14.77 18.22 -5.47
C PHE B 50 14.65 16.78 -5.97
N GLU B 51 15.74 16.21 -6.45
CA GLU B 51 15.77 14.81 -6.92
C GLU B 51 17.14 14.18 -6.61
N ASP B 52 17.11 12.93 -6.15
CA ASP B 52 18.33 12.14 -5.87
C ASP B 52 19.27 12.94 -4.97
N VAL B 53 18.75 13.39 -3.82
CA VAL B 53 19.51 14.25 -2.87
C VAL B 53 19.84 13.44 -1.62
N THR B 54 21.12 13.45 -1.23
CA THR B 54 21.60 12.97 0.07
C THR B 54 22.04 14.20 0.87
N SER B 55 21.96 14.12 2.19
CA SER B 55 22.19 15.24 3.11
C SER B 55 22.88 14.74 4.38
N SER B 56 23.85 15.50 4.85
CA SER B 56 24.65 15.21 6.06
C SER B 56 24.90 16.53 6.78
N ASN B 57 24.47 16.62 8.03
CA ASN B 57 24.59 17.84 8.88
C ASN B 57 23.99 19.03 8.13
N THR B 58 22.89 18.81 7.42
CA THR B 58 22.21 19.84 6.59
C THR B 58 20.89 20.18 7.26
N PHE B 59 20.57 21.46 7.34
CA PHE B 59 19.34 21.95 8.00
C PHE B 59 18.74 23.09 7.18
N PHE B 60 17.43 23.26 7.33
CA PHE B 60 16.66 24.43 6.85
C PHE B 60 16.05 25.09 8.07
N ARG B 61 16.58 26.25 8.46
CA ARG B 61 16.14 26.99 9.67
C ARG B 61 15.34 28.23 9.23
N ASN B 62 14.17 28.41 9.83
CA ASN B 62 13.21 29.51 9.54
C ASN B 62 13.10 29.69 8.03
N CYS B 63 12.80 28.62 7.30
CA CYS B 63 12.65 28.64 5.82
C CYS B 63 11.18 28.41 5.46
N THR B 64 10.78 28.86 4.27
CA THR B 64 9.41 28.67 3.73
C THR B 64 9.51 27.96 2.39
N PHE B 65 8.69 26.93 2.22
CA PHE B 65 8.62 26.14 0.96
C PHE B 65 7.19 26.22 0.41
N ILE B 66 7.08 26.60 -0.85
CA ILE B 66 5.76 26.76 -1.53
C ILE B 66 5.82 25.98 -2.85
N ASN B 67 4.92 25.03 -3.01
CA ASN B 67 4.74 24.27 -4.27
C ASN B 67 6.06 23.60 -4.68
N THR B 68 6.81 23.09 -3.69
CA THR B 68 8.12 22.45 -3.87
C THR B 68 7.94 20.93 -3.77
N VAL B 69 8.66 20.20 -4.63
CA VAL B 69 8.62 18.71 -4.69
C VAL B 69 10.00 18.16 -4.33
N PHE B 70 10.02 17.21 -3.40
CA PHE B 70 11.22 16.43 -3.03
C PHE B 70 11.00 14.99 -3.47
N TYR B 71 11.67 14.59 -4.54
CA TYR B 71 11.60 13.21 -5.09
C TYR B 71 12.94 12.50 -4.84
N ASN B 72 12.88 11.35 -4.18
CA ASN B 72 14.06 10.49 -3.95
C ASN B 72 15.10 11.30 -3.19
N THR B 73 14.74 11.80 -2.02
CA THR B 73 15.64 12.56 -1.10
C THR B 73 15.66 11.89 0.27
N ASP B 74 16.68 12.20 1.06
CA ASP B 74 16.78 11.78 2.48
C ASP B 74 16.46 12.97 3.38
N LEU B 75 15.75 13.99 2.88
CA LEU B 75 15.46 15.22 3.65
C LEU B 75 14.29 14.94 4.59
N PHE B 76 14.57 14.20 5.66
CA PHE B 76 13.57 13.79 6.68
C PHE B 76 13.20 15.00 7.54
N GLU B 77 12.18 14.82 8.36
CA GLU B 77 11.50 15.93 9.08
C GLU B 77 12.50 16.71 9.94
N TYR B 78 13.45 16.03 10.59
CA TYR B 78 14.35 16.65 11.60
C TYR B 78 15.27 17.69 10.96
N LYS B 79 15.36 17.73 9.63
CA LYS B 79 16.23 18.71 8.92
C LYS B 79 15.47 20.03 8.70
N PHE B 80 14.17 20.07 8.99
CA PHE B 80 13.34 21.29 8.81
C PHE B 80 13.02 21.88 10.18
N VAL B 81 13.79 22.89 10.58
CA VAL B 81 13.71 23.52 11.93
C VAL B 81 13.01 24.88 11.79
N ASN B 82 11.86 25.04 12.44
CA ASN B 82 11.02 26.27 12.42
C ASN B 82 10.70 26.67 10.98
N SER B 83 10.55 25.70 10.09
CA SER B 83 10.27 25.98 8.65
C SER B 83 8.78 25.73 8.39
N ARG B 84 8.27 26.32 7.31
CA ARG B 84 6.86 26.17 6.87
C ARG B 84 6.88 25.50 5.49
N LEU B 85 6.14 24.41 5.33
CA LEU B 85 5.98 23.74 4.01
C LEU B 85 4.54 23.91 3.54
N ILE B 86 4.32 24.76 2.54
CA ILE B 86 2.97 25.01 1.97
C ILE B 86 2.87 24.26 0.65
N ASN B 87 2.00 23.25 0.59
CA ASN B 87 1.74 22.43 -0.62
C ASN B 87 3.06 21.89 -1.15
N SER B 88 3.98 21.57 -0.26
CA SER B 88 5.28 20.94 -0.57
C SER B 88 5.18 19.45 -0.26
N THR B 89 5.56 18.61 -1.22
CA THR B 89 5.35 17.15 -1.16
C THR B 89 6.69 16.42 -1.18
N PHE B 90 6.79 15.35 -0.40
CA PHE B 90 7.92 14.38 -0.42
C PHE B 90 7.43 13.08 -1.05
N LEU B 91 8.08 12.66 -2.14
CA LEU B 91 7.69 11.46 -2.92
C LEU B 91 8.88 10.49 -2.96
N HIS B 92 8.62 9.23 -2.62
CA HIS B 92 9.59 8.11 -2.74
C HIS B 92 10.90 8.46 -2.03
N ASN B 93 10.83 8.68 -0.73
CA ASN B 93 12.01 9.10 0.10
C ASN B 93 13.09 8.04 0.00
N LYS B 94 14.36 8.47 0.09
CA LYS B 94 15.50 7.53 0.23
C LYS B 94 15.32 6.76 1.53
N GLU B 95 15.40 5.42 1.43
CA GLU B 95 15.23 4.46 2.55
C GLU B 95 14.06 4.89 3.46
N GLY B 96 12.81 4.80 3.00
CA GLY B 96 11.64 5.20 3.81
C GLY B 96 10.46 4.26 3.62
N GLN C 1 17.60 0.53 43.84
CA GLN C 1 19.09 0.66 44.04
C GLN C 1 19.74 1.49 42.92
N LEU C 2 19.01 1.78 41.83
CA LEU C 2 19.48 2.62 40.70
C LEU C 2 19.79 4.03 41.20
N GLN C 3 21.05 4.45 41.07
CA GLN C 3 21.53 5.76 41.55
C GLN C 3 22.89 6.05 40.89
N LEU C 4 23.18 7.32 40.68
CA LEU C 4 24.49 7.80 40.20
C LEU C 4 24.89 8.99 41.07
N VAL C 5 26.07 8.93 41.70
CA VAL C 5 26.59 10.03 42.56
C VAL C 5 27.93 10.48 41.97
N GLU C 6 28.05 11.78 41.73
CA GLU C 6 29.26 12.38 41.12
C GLU C 6 30.06 13.07 42.21
N THR C 7 31.39 12.96 42.12
CA THR C 7 32.35 13.60 43.05
C THR C 7 33.57 14.07 42.27
N GLY C 8 34.34 14.99 42.83
CA GLY C 8 35.64 15.43 42.29
C GLY C 8 35.58 16.83 41.70
N GLY C 9 34.40 17.39 41.49
CA GLY C 9 34.23 18.75 40.94
C GLY C 9 34.63 19.80 41.96
N GLY C 10 35.36 20.84 41.53
CA GLY C 10 35.79 21.93 42.43
C GLY C 10 36.24 23.15 41.65
N LEU C 11 37.17 23.90 42.23
CA LEU C 11 37.81 25.09 41.60
C LEU C 11 39.28 24.76 41.38
N VAL C 12 39.72 24.81 40.12
CA VAL C 12 41.14 24.61 39.73
C VAL C 12 41.51 25.72 38.75
N LYS C 13 42.77 26.15 38.79
CA LYS C 13 43.31 27.27 37.97
C LYS C 13 43.14 26.93 36.50
N PRO C 14 42.89 27.94 35.62
CA PRO C 14 42.84 27.70 34.18
C PRO C 14 44.08 26.96 33.66
N GLY C 15 43.86 25.76 33.10
CA GLY C 15 44.93 24.86 32.61
C GLY C 15 45.18 23.70 33.56
N GLY C 16 44.35 23.56 34.61
CA GLY C 16 44.50 22.49 35.62
C GLY C 16 43.98 21.16 35.11
N SER C 17 43.80 20.20 36.02
CA SER C 17 43.33 18.83 35.73
C SER C 17 42.42 18.37 36.87
N LEU C 18 41.21 17.91 36.52
CA LEU C 18 40.24 17.36 37.50
C LEU C 18 39.85 15.94 37.09
N ARG C 19 39.47 15.13 38.09
CA ARG C 19 39.09 13.72 37.92
C ARG C 19 37.70 13.51 38.52
N LEU C 20 36.64 13.67 37.71
CA LEU C 20 35.26 13.40 38.16
C LEU C 20 35.09 11.89 38.24
N SER C 21 34.39 11.44 39.27
CA SER C 21 34.02 10.02 39.47
C SER C 21 32.51 9.95 39.63
N CYS C 22 31.84 9.23 38.74
CA CYS C 22 30.41 8.88 38.83
C CYS C 22 30.32 7.45 39.33
N VAL C 23 30.00 7.28 40.62
CA VAL C 23 29.77 5.94 41.23
C VAL C 23 28.31 5.58 40.99
N VAL C 24 28.08 4.51 40.24
CA VAL C 24 26.72 4.07 39.83
C VAL C 24 26.38 2.82 40.64
N SER C 25 25.09 2.60 40.85
CA SER C 25 24.54 1.44 41.58
C SER C 25 23.27 0.98 40.86
N GLY C 26 23.05 -0.33 40.78
CA GLY C 26 21.79 -0.90 40.29
C GLY C 26 21.91 -1.47 38.87
N PHE C 27 22.98 -1.18 38.14
CA PHE C 27 23.18 -1.68 36.76
C PHE C 27 24.67 -1.83 36.46
N THR C 28 24.96 -2.61 35.41
CA THR C 28 26.32 -2.87 34.91
C THR C 28 26.57 -1.98 33.69
N PHE C 29 27.84 -1.69 33.41
CA PHE C 29 28.28 -0.83 32.30
C PHE C 29 28.25 -1.57 30.96
N ASP C 30 27.99 -2.87 30.96
CA ASP C 30 27.85 -3.66 29.71
C ASP C 30 26.42 -3.54 29.17
N ASP C 31 25.51 -2.91 29.92
CA ASP C 31 24.08 -2.76 29.54
C ASP C 31 23.73 -1.29 29.28
N TYR C 32 24.67 -0.36 29.50
CA TYR C 32 24.37 1.10 29.48
C TYR C 32 25.57 1.88 28.96
N ARG C 33 25.36 2.65 27.89
CA ARG C 33 26.33 3.67 27.45
C ARG C 33 26.34 4.78 28.50
N MET C 34 27.54 5.22 28.90
CA MET C 34 27.72 6.25 29.95
C MET C 34 28.10 7.56 29.29
N ALA C 35 27.63 8.67 29.85
CA ALA C 35 27.83 10.01 29.28
C ALA C 35 28.03 11.06 30.38
N TRP C 36 28.89 12.02 30.10
CA TRP C 36 29.05 13.26 30.89
C TRP C 36 28.36 14.39 30.11
N VAL C 37 27.50 15.12 30.81
CA VAL C 37 26.72 16.25 30.22
C VAL C 37 26.87 17.45 31.14
N ARG C 38 27.16 18.61 30.55
CA ARG C 38 27.43 19.86 31.29
C ARG C 38 26.20 20.77 31.17
N GLN C 39 25.98 21.60 32.20
CA GLN C 39 24.97 22.67 32.18
C GLN C 39 25.65 23.97 32.59
N ALA C 40 25.71 24.92 31.65
CA ALA C 40 26.24 26.29 31.88
C ALA C 40 25.29 27.05 32.79
N PRO C 41 25.74 28.13 33.46
CA PRO C 41 24.87 28.90 34.34
C PRO C 41 23.72 29.56 33.57
N GLY C 42 22.63 28.81 33.37
CA GLY C 42 21.38 29.30 32.74
C GLY C 42 21.15 28.73 31.36
N LYS C 43 22.21 28.29 30.67
CA LYS C 43 22.10 27.75 29.28
C LYS C 43 21.49 26.35 29.33
N GLU C 44 21.16 25.81 28.15
CA GLU C 44 20.60 24.44 28.00
C GLU C 44 21.72 23.43 28.19
N LEU C 45 21.35 22.22 28.61
CA LEU C 45 22.32 21.09 28.78
C LEU C 45 23.12 20.93 27.49
N GLU C 46 24.40 20.62 27.63
CA GLU C 46 25.31 20.38 26.49
C GLU C 46 26.00 19.03 26.72
N TRP C 47 25.83 18.10 25.79
CA TRP C 47 26.50 16.79 25.86
C TRP C 47 28.01 17.03 25.72
N VAL C 48 28.80 16.44 26.60
CA VAL C 48 30.28 16.63 26.65
C VAL C 48 30.96 15.41 26.04
N SER C 49 30.73 14.22 26.61
CA SER C 49 31.39 12.97 26.16
C SER C 49 30.50 11.77 26.49
N SER C 50 30.72 10.67 25.77
CA SER C 50 30.06 9.37 25.99
C SER C 50 31.10 8.25 25.86
N ILE C 51 30.80 7.09 26.44
CA ILE C 51 31.65 5.88 26.35
C ILE C 51 30.77 4.65 26.21
N ASP C 52 31.17 3.75 25.31
CA ASP C 52 30.65 2.36 25.18
C ASP C 52 31.75 1.41 25.66
N SER C 53 31.50 0.68 26.73
CA SER C 53 32.54 -0.08 27.48
C SER C 53 32.63 -1.51 26.97
N TRP C 54 31.51 -2.10 26.53
CA TRP C 54 31.44 -3.50 25.99
C TRP C 54 32.43 -3.65 24.84
N SER C 55 32.67 -2.56 24.11
CA SER C 55 33.73 -2.45 23.07
C SER C 55 34.25 -1.01 23.09
N ILE C 56 35.48 -0.83 23.58
CA ILE C 56 36.01 0.50 23.98
C ILE C 56 35.77 1.48 22.84
N ASN C 57 34.87 2.44 23.07
CA ASN C 57 34.47 3.44 22.08
C ASN C 57 34.19 4.74 22.84
N THR C 58 34.92 5.80 22.49
CA THR C 58 34.77 7.14 23.10
C THR C 58 34.19 8.08 22.07
N TYR C 59 33.37 9.02 22.53
CA TYR C 59 32.76 10.10 21.72
C TYR C 59 32.96 11.40 22.49
N TYR C 60 33.56 12.39 21.84
CA TYR C 60 33.87 13.70 22.45
C TYR C 60 33.23 14.80 21.61
N GLU C 61 32.56 15.72 22.28
CA GLU C 61 32.17 17.02 21.67
C GLU C 61 33.46 17.67 21.18
N ASP C 62 33.44 18.24 19.98
CA ASP C 62 34.64 18.72 19.25
C ASP C 62 35.53 19.56 20.18
N SER C 63 34.93 20.46 20.97
CA SER C 63 35.65 21.39 21.88
C SER C 63 36.33 20.63 23.02
N VAL C 64 36.11 19.32 23.14
CA VAL C 64 36.56 18.51 24.31
C VAL C 64 37.70 17.57 23.90
N LYS C 65 37.69 17.07 22.65
CA LYS C 65 38.55 15.94 22.20
C LYS C 65 40.03 16.27 22.47
N GLY C 66 40.78 15.29 22.97
CA GLY C 66 42.24 15.41 23.21
C GLY C 66 42.56 15.91 24.61
N ARG C 67 41.68 16.71 25.21
CA ARG C 67 41.90 17.33 26.54
C ARG C 67 41.34 16.41 27.61
N PHE C 68 40.05 16.07 27.52
CA PHE C 68 39.36 15.18 28.49
C PHE C 68 39.54 13.75 28.03
N THR C 69 39.20 12.81 28.92
CA THR C 69 39.31 11.36 28.64
C THR C 69 38.34 10.60 29.53
N ILE C 70 37.25 10.12 28.91
CA ILE C 70 36.23 9.32 29.60
C ILE C 70 36.78 7.90 29.73
N SER C 71 36.49 7.26 30.86
CA SER C 71 36.92 5.87 31.15
C SER C 71 35.90 5.23 32.07
N THR C 72 35.90 3.90 32.12
CA THR C 72 35.03 3.10 32.99
C THR C 72 35.91 2.11 33.78
N ASP C 73 35.36 1.59 34.86
CA ASP C 73 36.05 0.60 35.72
C ASP C 73 34.98 -0.34 36.29
N ASN C 74 34.73 -1.45 35.61
CA ASN C 74 33.74 -2.46 36.04
C ASN C 74 34.15 -3.02 37.41
N ALA C 75 35.47 -3.05 37.65
CA ALA C 75 36.07 -3.11 39.00
C ALA C 75 35.88 -1.76 39.70
N LYS C 76 35.14 -1.76 40.82
CA LYS C 76 34.73 -0.55 41.59
C LYS C 76 33.47 0.06 40.96
N ASN C 77 33.08 -0.40 39.75
CA ASN C 77 31.76 -0.12 39.13
C ASN C 77 31.58 1.40 38.95
N THR C 78 32.64 2.09 38.52
CA THR C 78 32.69 3.56 38.53
C THR C 78 33.07 4.09 37.14
N LEU C 79 32.34 5.12 36.70
CA LEU C 79 32.67 5.91 35.48
C LEU C 79 33.57 7.08 35.91
N TYR C 80 34.59 7.35 35.11
CA TYR C 80 35.58 8.43 35.37
C TYR C 80 35.63 9.36 34.16
N LEU C 81 35.76 10.66 34.45
CA LEU C 81 36.12 11.68 33.44
C LEU C 81 37.40 12.37 33.90
N GLN C 82 38.53 12.00 33.30
CA GLN C 82 39.84 12.64 33.52
C GLN C 82 39.88 13.93 32.71
N MET C 83 39.49 15.05 33.33
CA MET C 83 39.64 16.39 32.74
C MET C 83 41.11 16.81 32.86
N SER C 84 41.56 17.67 31.95
CA SER C 84 42.92 18.26 31.94
C SER C 84 42.94 19.41 30.93
N SER C 85 43.91 20.32 31.10
CA SER C 85 44.02 21.57 30.32
C SER C 85 42.65 22.26 30.30
N LEU C 86 42.15 22.64 31.48
CA LEU C 86 40.78 23.20 31.66
C LEU C 86 40.80 24.67 31.23
N LYS C 87 39.83 25.05 30.41
CA LYS C 87 39.69 26.42 29.84
C LYS C 87 38.59 27.13 30.64
N PRO C 88 38.46 28.46 30.50
CA PRO C 88 37.59 29.23 31.38
C PRO C 88 36.11 28.84 31.28
N GLU C 89 35.60 28.53 30.08
CA GLU C 89 34.14 28.32 29.84
C GLU C 89 33.79 26.83 29.87
N ASP C 90 34.64 25.99 30.47
CA ASP C 90 34.29 24.59 30.85
C ASP C 90 33.66 24.59 32.24
N THR C 91 33.45 25.77 32.84
CA THR C 91 32.80 25.94 34.17
C THR C 91 31.29 25.70 34.00
N ALA C 92 30.77 24.70 34.68
CA ALA C 92 29.37 24.26 34.59
C ALA C 92 29.09 23.22 35.67
N VAL C 93 27.84 22.83 35.81
CA VAL C 93 27.45 21.64 36.61
C VAL C 93 27.54 20.42 35.70
N TYR C 94 28.30 19.42 36.13
CA TYR C 94 28.65 18.22 35.33
C TYR C 94 27.90 17.01 35.89
N TYR C 95 26.93 16.52 35.11
CA TYR C 95 26.11 15.34 35.46
C TYR C 95 26.64 14.13 34.68
N CYS C 96 26.65 12.97 35.33
CA CYS C 96 26.85 11.68 34.65
C CYS C 96 25.45 11.13 34.34
N ALA C 97 25.34 10.37 33.26
CA ALA C 97 24.05 9.84 32.75
C ALA C 97 24.31 8.47 32.14
N ALA C 98 23.30 7.62 32.19
CA ALA C 98 23.33 6.24 31.67
C ALA C 98 22.19 6.09 30.67
N GLU C 99 22.54 5.65 29.46
CA GLU C 99 21.58 5.39 28.36
C GLU C 99 21.56 3.89 28.10
N ASP C 100 20.35 3.33 27.94
CA ASP C 100 20.15 1.92 27.53
C ASP C 100 20.88 1.70 26.20
N ARG C 101 21.82 0.76 26.17
CA ARG C 101 22.66 0.48 24.98
C ARG C 101 21.78 0.05 23.80
N LEU C 102 20.63 -0.58 24.06
CA LEU C 102 19.78 -1.25 23.04
C LEU C 102 18.91 -0.24 22.30
N GLY C 103 18.85 1.02 22.74
CA GLY C 103 18.02 2.05 22.12
C GLY C 103 18.76 2.73 20.98
N VAL C 104 18.10 3.68 20.32
CA VAL C 104 18.65 4.44 19.17
C VAL C 104 19.94 5.13 19.63
N PRO C 105 21.11 4.80 19.02
CA PRO C 105 22.40 5.22 19.56
C PRO C 105 22.82 6.64 19.17
N THR C 106 21.88 7.48 18.74
CA THR C 106 22.15 8.88 18.37
C THR C 106 22.68 9.62 19.60
N ILE C 107 23.43 10.68 19.35
CA ILE C 107 23.99 11.57 20.41
C ILE C 107 23.52 12.98 20.12
N ASN C 108 22.48 13.43 20.82
CA ASN C 108 21.95 14.80 20.71
C ASN C 108 22.91 15.73 21.47
N ALA C 109 23.26 16.85 20.85
CA ALA C 109 24.23 17.84 21.40
C ALA C 109 23.62 18.50 22.64
N HIS C 110 22.34 18.86 22.56
CA HIS C 110 21.58 19.49 23.67
C HIS C 110 20.47 18.56 24.11
N PRO C 111 20.78 17.51 24.92
CA PRO C 111 19.76 16.53 25.27
C PRO C 111 18.72 17.13 26.22
N SER C 112 17.58 16.44 26.33
CA SER C 112 16.58 16.63 27.41
C SER C 112 16.67 15.42 28.33
N LYS C 113 15.77 15.30 29.30
CA LYS C 113 15.89 14.27 30.35
C LYS C 113 15.63 12.89 29.75
N TYR C 114 14.82 12.79 28.68
CA TYR C 114 14.44 11.49 28.08
C TYR C 114 15.54 10.96 27.13
N ASP C 115 16.66 11.69 27.00
CA ASP C 115 17.82 11.19 26.23
C ASP C 115 18.55 10.10 27.01
N TYR C 116 18.39 10.05 28.34
CA TYR C 116 19.11 9.10 29.21
C TYR C 116 18.13 8.44 30.19
N ASN C 117 18.40 7.17 30.52
CA ASN C 117 17.58 6.36 31.46
C ASN C 117 17.72 6.94 32.87
N TYR C 118 18.95 7.25 33.28
CA TYR C 118 19.28 7.67 34.67
C TYR C 118 20.25 8.84 34.64
N TRP C 119 20.00 9.82 35.50
CA TRP C 119 20.85 11.02 35.70
C TRP C 119 21.38 11.01 37.12
N GLY C 120 22.47 11.74 37.35
CA GLY C 120 23.04 11.98 38.68
C GLY C 120 22.50 13.28 39.28
N GLN C 121 23.17 13.76 40.33
CA GLN C 121 22.82 15.03 41.03
C GLN C 121 23.66 16.17 40.45
N GLY C 122 24.86 15.86 39.94
CA GLY C 122 25.77 16.82 39.32
C GLY C 122 26.77 17.36 40.33
N THR C 123 28.00 17.62 39.88
CA THR C 123 29.06 18.30 40.68
C THR C 123 29.43 19.61 39.99
N GLN C 124 29.55 20.68 40.77
CA GLN C 124 29.94 22.01 40.24
C GLN C 124 31.41 21.95 39.85
N VAL C 125 31.73 22.54 38.70
CA VAL C 125 33.14 22.73 38.24
C VAL C 125 33.27 24.20 37.90
N THR C 126 34.01 24.95 38.72
CA THR C 126 34.33 26.37 38.48
C THR C 126 35.80 26.45 38.09
N VAL C 127 36.11 27.36 37.17
CA VAL C 127 37.51 27.65 36.74
C VAL C 127 37.62 29.15 36.49
N SER C 128 38.30 29.84 37.40
CA SER C 128 38.52 31.31 37.36
C SER C 128 39.94 31.62 37.81
N SER C 129 40.47 32.77 37.39
CA SER C 129 41.82 33.27 37.74
C SER C 129 41.79 33.88 39.14
N ARG D 3 -30.69 16.25 33.47
CA ARG D 3 -31.74 16.37 32.40
C ARG D 3 -31.15 17.00 31.14
N ASP D 4 -30.42 18.12 31.29
CA ASP D 4 -29.74 18.84 30.17
C ASP D 4 -28.52 18.02 29.74
N LYS D 5 -28.65 17.29 28.63
CA LYS D 5 -27.64 16.31 28.14
C LYS D 5 -26.63 17.04 27.25
N TYR D 6 -25.39 17.14 27.69
CA TYR D 6 -24.22 17.49 26.86
C TYR D 6 -23.40 16.21 26.65
N ALA D 7 -22.75 16.09 25.49
CA ALA D 7 -22.02 14.86 25.13
C ALA D 7 -20.90 15.15 24.14
N ASN D 8 -19.93 14.25 24.08
CA ASN D 8 -18.85 14.20 23.06
C ASN D 8 -18.06 15.51 23.08
N PHE D 9 -17.84 16.06 24.27
CA PHE D 9 -17.19 17.38 24.46
C PHE D 9 -15.87 17.19 25.22
N THR D 10 -15.10 18.26 25.25
CA THR D 10 -13.79 18.31 25.92
C THR D 10 -13.60 19.72 26.51
N ILE D 11 -13.29 19.79 27.80
CA ILE D 11 -12.96 21.06 28.50
C ILE D 11 -11.47 21.07 28.84
N ASN D 12 -10.75 22.08 28.38
CA ASN D 12 -9.29 22.24 28.61
C ASN D 12 -9.00 23.53 29.39
N PHE D 13 -10.04 24.19 29.92
CA PHE D 13 -9.94 25.54 30.51
C PHE D 13 -10.42 25.54 31.96
N THR D 14 -10.01 26.56 32.70
CA THR D 14 -10.34 26.77 34.13
C THR D 14 -11.83 27.06 34.26
N MET D 15 -12.47 26.41 35.23
CA MET D 15 -13.88 26.69 35.62
C MET D 15 -13.87 27.25 37.04
N GLU D 16 -14.40 28.48 37.21
CA GLU D 16 -14.36 29.24 38.47
C GLU D 16 -15.78 29.66 38.88
N ASN D 17 -16.13 29.42 40.15
CA ASN D 17 -17.34 29.98 40.82
C ASN D 17 -18.57 29.64 39.98
N GLN D 18 -18.85 28.34 39.83
CA GLN D 18 -19.98 27.83 39.02
C GLN D 18 -20.72 26.77 39.84
N ILE D 19 -22.01 26.62 39.56
CA ILE D 19 -22.86 25.55 40.16
C ILE D 19 -23.70 24.96 39.03
N HIS D 20 -23.31 23.79 38.54
CA HIS D 20 -24.03 23.07 37.46
C HIS D 20 -24.97 22.07 38.11
N THR D 21 -26.26 22.15 37.75
CA THR D 21 -27.33 21.30 38.31
C THR D 21 -28.11 20.64 37.19
N GLY D 22 -28.49 19.37 37.39
CA GLY D 22 -29.42 18.63 36.52
C GLY D 22 -28.83 18.36 35.14
N MET D 23 -27.53 18.06 35.08
CA MET D 23 -26.83 17.79 33.81
C MET D 23 -26.67 16.27 33.65
N GLU D 24 -26.57 15.81 32.40
CA GLU D 24 -26.29 14.40 32.05
C GLU D 24 -25.17 14.37 31.01
N TYR D 25 -23.92 14.45 31.47
CA TYR D 25 -22.72 14.44 30.60
C TYR D 25 -22.48 13.01 30.12
N ASP D 26 -22.40 12.83 28.79
CA ASP D 26 -22.16 11.52 28.15
C ASP D 26 -20.86 11.60 27.35
N ASN D 27 -19.83 10.85 27.76
CA ASN D 27 -18.51 10.82 27.09
C ASN D 27 -17.92 12.24 27.08
N GLY D 28 -18.03 12.96 28.20
CA GLY D 28 -17.35 14.25 28.42
C GLY D 28 -15.90 14.03 28.81
N ARG D 29 -15.03 14.99 28.46
CA ARG D 29 -13.58 14.95 28.76
C ARG D 29 -13.20 16.20 29.54
N PHE D 30 -12.57 16.02 30.69
CA PHE D 30 -12.04 17.10 31.55
C PHE D 30 -10.53 16.92 31.64
N ILE D 31 -9.80 17.53 30.72
CA ILE D 31 -8.33 17.36 30.58
C ILE D 31 -7.65 18.72 30.83
N GLY D 32 -6.78 18.78 31.83
CA GLY D 32 -6.01 19.99 32.17
C GLY D 32 -6.85 21.01 32.91
N VAL D 33 -8.06 20.64 33.35
CA VAL D 33 -9.04 21.58 33.98
C VAL D 33 -8.57 21.88 35.40
N LYS D 34 -8.64 23.16 35.78
CA LYS D 34 -8.40 23.61 37.17
C LYS D 34 -9.75 24.06 37.74
N PHE D 35 -10.30 23.28 38.68
CA PHE D 35 -11.60 23.56 39.34
C PHE D 35 -11.35 24.46 40.56
N LYS D 36 -12.07 25.59 40.61
CA LYS D 36 -12.01 26.57 41.72
C LYS D 36 -13.43 26.94 42.15
N SER D 37 -13.86 26.43 43.29
CA SER D 37 -15.19 26.73 43.90
C SER D 37 -16.29 26.34 42.91
N VAL D 38 -16.20 25.15 42.33
CA VAL D 38 -17.22 24.63 41.36
C VAL D 38 -17.98 23.49 42.06
N THR D 39 -19.27 23.42 41.83
CA THR D 39 -20.13 22.37 42.43
C THR D 39 -20.98 21.74 41.32
N PHE D 40 -21.08 20.42 41.34
CA PHE D 40 -21.98 19.62 40.48
C PHE D 40 -23.06 19.00 41.35
N LYS D 41 -24.32 19.32 41.05
CA LYS D 41 -25.48 18.87 41.84
C LYS D 41 -26.41 18.06 40.93
N ASP D 42 -26.87 16.90 41.41
CA ASP D 42 -27.86 16.04 40.72
C ASP D 42 -27.48 15.94 39.24
N SER D 43 -26.23 15.55 38.97
CA SER D 43 -25.72 15.37 37.59
C SER D 43 -25.34 13.91 37.39
N VAL D 44 -25.31 13.47 36.14
CA VAL D 44 -24.92 12.10 35.73
C VAL D 44 -23.72 12.20 34.79
N PHE D 45 -22.64 11.50 35.14
CA PHE D 45 -21.42 11.38 34.30
C PHE D 45 -21.41 9.97 33.71
N LYS D 46 -21.59 9.88 32.40
CA LYS D 46 -21.76 8.60 31.68
C LYS D 46 -20.55 8.40 30.75
N GLU D 47 -19.69 7.44 31.09
CA GLU D 47 -18.49 7.08 30.28
C GLU D 47 -17.66 8.34 30.02
N CYS D 48 -17.42 9.12 31.07
CA CYS D 48 -16.64 10.38 31.00
C CYS D 48 -15.19 10.09 31.37
N TYR D 49 -14.31 11.07 31.15
CA TYR D 49 -12.85 10.92 31.32
C TYR D 49 -12.28 12.21 31.90
N PHE D 50 -11.52 12.08 32.98
CA PHE D 50 -10.81 13.20 33.65
C PHE D 50 -9.31 12.96 33.58
N GLU D 51 -8.55 14.01 33.26
CA GLU D 51 -7.08 13.92 33.17
C GLU D 51 -6.45 15.25 33.59
N ASP D 52 -5.42 15.19 34.41
CA ASP D 52 -4.66 16.38 34.85
C ASP D 52 -5.65 17.42 35.40
N VAL D 53 -6.48 17.00 36.35
CA VAL D 53 -7.51 17.86 36.99
C VAL D 53 -7.03 18.20 38.40
N THR D 54 -6.89 19.49 38.68
CA THR D 54 -6.64 20.02 40.04
C THR D 54 -7.91 20.73 40.51
N SER D 55 -8.32 20.47 41.75
CA SER D 55 -9.57 20.99 42.34
C SER D 55 -9.26 21.74 43.62
N SER D 56 -10.09 22.73 43.92
CA SER D 56 -10.05 23.54 45.16
C SER D 56 -11.47 24.00 45.48
N ASN D 57 -11.99 23.60 46.64
CA ASN D 57 -13.37 23.92 47.10
C ASN D 57 -14.37 23.39 46.08
N THR D 58 -14.11 22.21 45.53
CA THR D 58 -14.94 21.59 44.47
C THR D 58 -15.52 20.29 45.00
N PHE D 59 -16.80 20.04 44.73
CA PHE D 59 -17.54 18.86 45.23
C PHE D 59 -18.50 18.38 44.16
N PHE D 60 -18.86 17.10 44.25
CA PHE D 60 -19.89 16.44 43.42
C PHE D 60 -20.98 15.95 44.38
N ARG D 61 -22.05 16.73 44.50
CA ARG D 61 -23.13 16.48 45.49
C ARG D 61 -24.29 15.78 44.79
N ASN D 62 -24.65 14.60 45.28
CA ASN D 62 -25.77 13.79 44.75
C ASN D 62 -25.59 13.62 43.24
N CYS D 63 -24.38 13.25 42.81
CA CYS D 63 -24.06 12.94 41.39
C CYS D 63 -23.89 11.43 41.25
N THR D 64 -23.99 10.94 40.01
CA THR D 64 -23.84 9.50 39.68
C THR D 64 -22.83 9.35 38.54
N PHE D 65 -21.80 8.54 38.76
CA PHE D 65 -20.73 8.27 37.78
C PHE D 65 -20.85 6.82 37.34
N ILE D 66 -20.84 6.61 36.02
CA ILE D 66 -20.88 5.26 35.41
C ILE D 66 -19.71 5.15 34.42
N ASN D 67 -18.86 4.15 34.63
CA ASN D 67 -17.78 3.76 33.69
C ASN D 67 -16.89 4.98 33.42
N THR D 68 -16.65 5.78 34.45
CA THR D 68 -15.82 7.01 34.34
C THR D 68 -14.41 6.69 34.84
N VAL D 69 -13.41 7.25 34.16
CA VAL D 69 -11.97 7.09 34.52
C VAL D 69 -11.45 8.45 34.98
N PHE D 70 -10.74 8.45 36.11
CA PHE D 70 -10.03 9.62 36.67
C PHE D 70 -8.53 9.31 36.65
N TYR D 71 -7.85 9.85 35.64
CA TYR D 71 -6.39 9.66 35.47
C TYR D 71 -5.68 10.95 35.87
N ASN D 72 -4.72 10.85 36.79
CA ASN D 72 -3.86 12.00 37.19
C ASN D 72 -4.77 13.13 37.68
N THR D 73 -5.57 12.87 38.71
CA THR D 73 -6.50 13.85 39.30
C THR D 73 -6.23 13.96 40.80
N ASP D 74 -6.74 15.02 41.42
CA ASP D 74 -6.75 15.20 42.90
C ASP D 74 -8.18 15.08 43.43
N LEU D 75 -9.08 14.45 42.66
CA LEU D 75 -10.50 14.30 43.05
C LEU D 75 -10.59 13.14 44.03
N PHE D 76 -10.19 13.40 45.27
CA PHE D 76 -10.12 12.40 46.36
C PHE D 76 -11.53 12.09 46.87
N GLU D 77 -11.61 11.18 47.83
CA GLU D 77 -12.88 10.55 48.29
C GLU D 77 -13.82 11.61 48.87
N TYR D 78 -13.30 12.63 49.55
CA TYR D 78 -14.08 13.62 50.32
C TYR D 78 -14.84 14.57 49.37
N LYS D 79 -14.43 14.64 48.09
CA LYS D 79 -15.05 15.57 47.10
C LYS D 79 -16.35 14.98 46.55
N PHE D 80 -16.65 13.72 46.85
CA PHE D 80 -17.89 13.03 46.42
C PHE D 80 -18.83 12.88 47.61
N VAL D 81 -19.76 13.82 47.75
CA VAL D 81 -20.75 13.85 48.85
C VAL D 81 -22.05 13.23 48.33
N ASN D 82 -22.53 12.18 49.00
CA ASN D 82 -23.83 11.53 48.71
C ASN D 82 -23.89 11.13 47.24
N SER D 83 -22.77 10.73 46.65
CA SER D 83 -22.66 10.41 45.20
C SER D 83 -22.44 8.91 45.02
N ARG D 84 -22.84 8.39 43.86
CA ARG D 84 -22.64 6.99 43.46
C ARG D 84 -21.51 6.93 42.43
N LEU D 85 -20.57 6.01 42.63
CA LEU D 85 -19.47 5.70 41.69
C LEU D 85 -19.64 4.25 41.25
N ILE D 86 -20.10 4.04 40.02
CA ILE D 86 -20.38 2.68 39.46
C ILE D 86 -19.32 2.39 38.41
N ASN D 87 -18.61 1.28 38.60
CA ASN D 87 -17.55 0.79 37.68
C ASN D 87 -16.64 1.96 37.28
N SER D 88 -16.36 2.87 38.20
CA SER D 88 -15.47 4.03 37.97
C SER D 88 -14.12 3.75 38.64
N THR D 89 -13.04 4.19 38.03
CA THR D 89 -11.66 3.85 38.45
C THR D 89 -10.84 5.13 38.57
N PHE D 90 -9.96 5.17 39.57
CA PHE D 90 -8.96 6.23 39.79
C PHE D 90 -7.58 5.63 39.53
N LEU D 91 -6.78 6.31 38.72
CA LEU D 91 -5.44 5.84 38.27
C LEU D 91 -4.43 6.96 38.43
N HIS D 92 -3.29 6.64 39.04
CA HIS D 92 -2.13 7.54 39.21
C HIS D 92 -2.60 8.90 39.74
N ASN D 93 -3.17 8.92 40.95
CA ASN D 93 -3.67 10.15 41.59
C ASN D 93 -2.51 11.14 41.78
N LYS D 94 -2.82 12.41 42.00
CA LYS D 94 -1.84 13.51 42.26
C LYS D 94 -1.50 13.56 43.75
N GLU D 95 -1.21 12.41 44.36
CA GLU D 95 -0.87 12.33 45.81
C GLU D 95 0.54 12.89 46.01
N GLY D 96 1.57 12.15 45.57
CA GLY D 96 2.99 12.50 45.76
C GLY D 96 3.81 11.31 46.22
N ILE E 2 -2.99 -30.49 -11.34
CA ILE E 2 -2.28 -31.74 -10.92
C ILE E 2 -0.80 -31.65 -11.37
N LYS E 3 -0.15 -32.81 -11.55
CA LYS E 3 1.24 -32.96 -12.08
C LYS E 3 2.27 -32.35 -11.12
N SER E 4 1.81 -31.64 -10.08
CA SER E 4 2.68 -31.00 -9.07
C SER E 4 3.12 -32.04 -8.05
N SER E 5 4.06 -31.67 -7.19
CA SER E 5 4.47 -32.46 -6.00
C SER E 5 3.28 -32.57 -5.04
N SER E 6 2.36 -31.59 -5.06
CA SER E 6 1.18 -31.53 -4.15
C SER E 6 0.12 -32.52 -4.62
N VAL E 7 -0.13 -33.57 -3.85
CA VAL E 7 -1.18 -34.59 -4.14
C VAL E 7 -2.42 -34.33 -3.28
N LEU E 8 -2.32 -33.44 -2.28
CA LEU E 8 -3.48 -33.07 -1.43
C LEU E 8 -3.25 -31.67 -0.86
N ASN E 9 -4.23 -30.78 -1.03
CA ASN E 9 -4.19 -29.40 -0.52
C ASN E 9 -5.59 -29.04 0.02
N MET E 10 -5.74 -29.02 1.34
CA MET E 10 -7.02 -28.72 2.02
C MET E 10 -7.22 -27.21 2.14
N ARG E 11 -8.15 -26.66 1.36
CA ARG E 11 -8.40 -25.20 1.27
C ARG E 11 -9.90 -24.96 1.37
N TYR E 12 -10.28 -23.71 1.64
CA TYR E 12 -11.68 -23.30 1.86
C TYR E 12 -12.27 -22.70 0.56
N LYS E 13 -13.45 -23.18 0.14
CA LYS E 13 -14.26 -22.57 -0.97
C LYS E 13 -15.76 -22.69 -0.64
N ASN E 14 -16.46 -21.54 -0.60
CA ASN E 14 -17.94 -21.38 -0.51
C ASN E 14 -18.55 -22.31 0.55
N ASP E 15 -18.15 -22.16 1.81
CA ASP E 15 -18.83 -22.74 3.01
C ASP E 15 -18.28 -24.14 3.32
N LYS E 16 -17.40 -24.72 2.50
CA LYS E 16 -16.81 -26.06 2.81
C LYS E 16 -15.29 -26.08 2.55
N TYR E 17 -14.64 -27.17 2.99
CA TYR E 17 -13.22 -27.45 2.72
C TYR E 17 -13.14 -28.37 1.50
N VAL E 18 -12.15 -28.10 0.65
CA VAL E 18 -12.06 -28.66 -0.73
C VAL E 18 -10.60 -29.05 -0.96
N ASP E 19 -10.36 -30.04 -1.80
CA ASP E 19 -8.99 -30.40 -2.26
C ASP E 19 -8.71 -29.61 -3.54
N THR E 20 -7.74 -28.69 -3.51
CA THR E 20 -7.34 -27.84 -4.67
C THR E 20 -6.15 -28.43 -5.41
N SER E 21 -5.67 -29.63 -5.03
CA SER E 21 -4.47 -30.25 -5.66
C SER E 21 -4.78 -30.58 -7.13
N GLY E 22 -5.93 -31.20 -7.38
CA GLY E 22 -6.32 -31.70 -8.71
C GLY E 22 -6.70 -33.17 -8.69
N TYR E 23 -6.40 -33.90 -7.61
CA TYR E 23 -6.64 -35.35 -7.47
C TYR E 23 -7.99 -35.62 -6.81
N ASP E 24 -8.71 -34.57 -6.43
CA ASP E 24 -10.14 -34.65 -6.05
C ASP E 24 -10.32 -35.65 -4.91
N SER E 25 -9.73 -35.38 -3.73
CA SER E 25 -10.08 -36.06 -2.47
C SER E 25 -11.27 -35.33 -1.84
N ASN E 26 -12.15 -36.06 -1.18
CA ASN E 26 -13.37 -35.52 -0.54
C ASN E 26 -13.04 -35.08 0.89
N ILE E 27 -13.56 -33.92 1.30
CA ILE E 27 -13.37 -33.36 2.66
C ILE E 27 -14.75 -33.10 3.27
N ASN E 28 -15.05 -33.76 4.38
CA ASN E 28 -16.34 -33.64 5.08
C ASN E 28 -16.10 -33.07 6.48
N ILE E 29 -17.04 -32.26 6.94
CA ILE E 29 -17.08 -31.71 8.32
C ILE E 29 -18.20 -32.41 9.07
N ASN E 30 -17.91 -32.89 10.28
CA ASN E 30 -18.90 -33.50 11.20
C ASN E 30 -18.93 -32.69 12.49
N GLY E 31 -20.13 -32.34 12.93
CA GLY E 31 -20.36 -31.67 14.22
C GLY E 31 -20.03 -30.20 14.15
N ASP E 32 -19.47 -29.66 15.24
CA ASP E 32 -19.17 -28.22 15.40
C ASP E 32 -17.68 -28.03 15.13
N VAL E 33 -17.35 -27.60 13.91
CA VAL E 33 -15.98 -27.21 13.53
C VAL E 33 -15.97 -25.70 13.33
N TYR E 34 -15.13 -25.02 14.10
CA TYR E 34 -15.01 -23.54 14.09
C TYR E 34 -14.23 -23.14 12.84
N LYS E 35 -14.69 -22.07 12.20
CA LYS E 35 -13.98 -21.45 11.05
C LYS E 35 -13.58 -20.04 11.46
N TYR E 36 -12.30 -19.71 11.28
CA TYR E 36 -11.77 -18.36 11.60
C TYR E 36 -12.31 -17.36 10.59
N PRO E 37 -13.07 -16.33 11.02
CA PRO E 37 -13.71 -15.41 10.07
C PRO E 37 -12.72 -14.65 9.18
N THR E 38 -11.57 -14.23 9.73
CA THR E 38 -10.54 -13.47 8.99
C THR E 38 -9.73 -14.37 8.05
N ASN E 39 -9.71 -15.68 8.29
CA ASN E 39 -9.01 -16.65 7.42
C ASN E 39 -9.66 -18.03 7.58
N LYS E 40 -10.61 -18.36 6.71
CA LYS E 40 -11.47 -19.56 6.84
C LYS E 40 -10.69 -20.83 6.48
N ASN E 41 -9.46 -20.71 5.97
CA ASN E 41 -8.58 -21.88 5.76
C ASN E 41 -8.20 -22.48 7.12
N GLN E 42 -8.25 -21.67 8.18
CA GLN E 42 -7.93 -22.10 9.55
C GLN E 42 -9.22 -22.59 10.18
N PHE E 43 -9.18 -23.78 10.81
CA PHE E 43 -10.36 -24.36 11.48
C PHE E 43 -9.96 -24.85 12.88
N GLY E 44 -10.94 -24.84 13.77
CA GLY E 44 -10.81 -25.27 15.16
C GLY E 44 -11.66 -26.49 15.40
N ILE E 45 -11.07 -27.51 16.01
CA ILE E 45 -11.77 -28.76 16.41
C ILE E 45 -11.79 -28.80 17.93
N TYR E 46 -12.92 -29.23 18.51
CA TYR E 46 -13.12 -29.39 19.95
C TYR E 46 -13.16 -30.88 20.30
N ASN E 47 -13.17 -31.18 21.59
CA ASN E 47 -13.29 -32.58 22.10
C ASN E 47 -14.38 -32.67 23.19
N ASP E 48 -15.12 -31.59 23.45
CA ASP E 48 -16.26 -31.57 24.41
C ASP E 48 -17.58 -31.78 23.65
N LYS E 49 -17.50 -32.11 22.35
CA LYS E 49 -18.68 -32.39 21.52
C LYS E 49 -18.21 -33.04 20.21
N LEU E 50 -19.12 -33.28 19.29
CA LEU E 50 -18.79 -33.80 17.96
C LEU E 50 -18.14 -32.68 17.18
N SER E 51 -16.88 -32.86 16.80
CA SER E 51 -16.07 -31.85 16.09
C SER E 51 -14.92 -32.57 15.38
N GLU E 52 -15.08 -32.85 14.10
CA GLU E 52 -14.04 -33.57 13.36
C GLU E 52 -14.07 -33.11 11.90
N VAL E 53 -12.96 -33.33 11.21
CA VAL E 53 -12.86 -33.18 9.74
C VAL E 53 -12.30 -34.48 9.18
N ASN E 54 -12.97 -35.03 8.17
CA ASN E 54 -12.57 -36.32 7.57
C ASN E 54 -12.26 -36.11 6.10
N ILE E 55 -11.02 -36.40 5.71
CA ILE E 55 -10.59 -36.41 4.29
C ILE E 55 -10.60 -37.85 3.81
N SER E 56 -11.57 -38.20 2.96
CA SER E 56 -11.57 -39.44 2.13
C SER E 56 -10.60 -39.22 0.97
N GLN E 57 -9.44 -39.86 1.04
CA GLN E 57 -8.38 -39.70 0.01
C GLN E 57 -8.83 -40.38 -1.29
N ASN E 58 -8.50 -39.75 -2.42
CA ASN E 58 -8.61 -40.39 -3.75
C ASN E 58 -7.69 -41.62 -3.77
N ASP E 59 -8.21 -42.77 -4.22
CA ASP E 59 -7.47 -44.05 -4.31
C ASP E 59 -6.14 -43.87 -5.05
N TYR E 60 -6.04 -42.89 -5.95
CA TYR E 60 -4.84 -42.64 -6.79
C TYR E 60 -3.66 -42.16 -5.93
N ILE E 61 -3.91 -41.52 -4.78
CA ILE E 61 -2.87 -40.85 -3.95
C ILE E 61 -2.64 -41.58 -2.62
N ILE E 62 -3.44 -42.59 -2.29
CA ILE E 62 -3.28 -43.33 -0.99
C ILE E 62 -1.92 -44.03 -1.02
N TYR E 63 -1.08 -43.73 -0.02
CA TYR E 63 0.31 -44.22 0.07
C TYR E 63 0.29 -45.72 0.35
N ASP E 64 0.87 -46.52 -0.56
CA ASP E 64 0.99 -47.99 -0.41
C ASP E 64 2.27 -48.47 -1.10
N ASN E 65 3.41 -47.80 -0.88
CA ASN E 65 4.70 -48.23 -1.46
C ASN E 65 5.74 -48.46 -0.35
N LYS E 66 6.93 -48.89 -0.75
CA LYS E 66 8.09 -49.14 0.14
C LYS E 66 9.20 -48.10 -0.11
N TYR E 67 9.25 -47.48 -1.29
CA TYR E 67 10.40 -46.63 -1.69
C TYR E 67 9.98 -45.21 -2.09
N LYS E 68 8.69 -44.91 -2.15
CA LYS E 68 8.22 -43.59 -2.63
C LYS E 68 8.32 -42.56 -1.49
N ASN E 69 9.14 -41.54 -1.70
CA ASN E 69 9.31 -40.43 -0.72
C ASN E 69 7.97 -39.68 -0.63
N PHE E 70 7.68 -39.13 0.53
CA PHE E 70 6.48 -38.28 0.73
C PHE E 70 6.68 -37.33 1.90
N SER E 71 5.97 -36.20 1.83
CA SER E 71 6.05 -35.11 2.82
C SER E 71 4.65 -34.66 3.21
N ILE E 72 4.52 -34.20 4.45
CA ILE E 72 3.24 -33.68 5.00
C ILE E 72 3.57 -32.34 5.62
N SER E 73 2.69 -31.36 5.45
CA SER E 73 2.83 -30.01 6.02
C SER E 73 1.48 -29.55 6.54
N PHE E 74 1.50 -28.76 7.61
CA PHE E 74 0.31 -28.09 8.16
C PHE E 74 0.79 -27.08 9.19
N TRP E 75 -0.12 -26.22 9.63
CA TRP E 75 0.08 -25.35 10.80
C TRP E 75 -0.89 -25.78 11.89
N VAL E 76 -0.40 -25.77 13.13
CA VAL E 76 -1.18 -26.19 14.32
C VAL E 76 -1.15 -25.03 15.32
N ARG E 77 -2.27 -24.83 16.02
CA ARG E 77 -2.38 -23.83 17.09
C ARG E 77 -2.91 -24.52 18.35
N ILE E 78 -2.11 -24.48 19.41
CA ILE E 78 -2.36 -25.23 20.68
C ILE E 78 -2.41 -24.22 21.81
N PRO E 79 -3.62 -23.88 22.31
CA PRO E 79 -3.74 -23.01 23.48
C PRO E 79 -3.33 -23.82 24.72
N ASN E 80 -2.74 -23.16 25.72
CA ASN E 80 -2.41 -23.80 27.01
C ASN E 80 -3.37 -23.32 28.09
N TYR E 81 -4.29 -22.41 27.72
CA TYR E 81 -5.31 -21.82 28.63
C TYR E 81 -4.54 -21.18 29.81
N ASP E 82 -4.55 -21.80 30.99
CA ASP E 82 -3.92 -21.22 32.22
C ASP E 82 -2.58 -21.90 32.54
N ASN E 83 -2.05 -22.75 31.64
CA ASN E 83 -0.75 -23.47 31.73
C ASN E 83 -0.83 -24.59 32.78
N LYS E 84 -2.00 -24.78 33.41
CA LYS E 84 -2.21 -25.72 34.55
C LYS E 84 -3.07 -26.91 34.10
N ILE E 85 -4.17 -26.66 33.40
CA ILE E 85 -5.11 -27.73 32.95
C ILE E 85 -4.42 -28.65 31.94
N VAL E 86 -3.40 -28.15 31.23
CA VAL E 86 -2.68 -28.90 30.17
C VAL E 86 -1.50 -29.67 30.77
N ASN E 87 -1.14 -29.40 32.03
CA ASN E 87 0.09 -29.95 32.66
C ASN E 87 -0.18 -31.40 33.07
N VAL E 88 -0.35 -32.27 32.06
CA VAL E 88 -0.57 -33.71 32.26
C VAL E 88 0.19 -34.47 31.17
N ASN E 89 0.99 -35.45 31.57
CA ASN E 89 1.78 -36.30 30.66
C ASN E 89 0.87 -37.39 30.08
N ASN E 90 0.33 -37.14 28.88
CA ASN E 90 -0.56 -38.09 28.17
C ASN E 90 -0.55 -37.76 26.69
N GLU E 91 -0.13 -38.71 25.86
CA GLU E 91 -0.07 -38.55 24.38
C GLU E 91 -1.48 -38.71 23.82
N TYR E 92 -1.95 -37.71 23.09
CA TYR E 92 -3.30 -37.72 22.46
C TYR E 92 -3.17 -37.36 20.98
N THR E 93 -3.96 -38.05 20.15
CA THR E 93 -3.93 -37.92 18.68
C THR E 93 -4.75 -36.69 18.26
N ILE E 94 -4.32 -36.02 17.18
CA ILE E 94 -5.07 -34.90 16.54
C ILE E 94 -5.22 -35.11 15.03
N ILE E 95 -4.34 -35.89 14.40
CA ILE E 95 -4.47 -36.25 12.95
C ILE E 95 -4.13 -37.72 12.77
N ASN E 96 -5.09 -38.49 12.24
CA ASN E 96 -4.99 -39.96 12.11
C ASN E 96 -5.06 -40.38 10.64
N CYS E 97 -4.00 -41.01 10.16
CA CYS E 97 -3.96 -41.71 8.84
C CYS E 97 -3.37 -43.11 9.06
N MET E 98 -3.90 -43.82 10.05
CA MET E 98 -3.44 -45.18 10.42
C MET E 98 -4.58 -46.17 10.21
N ARG E 99 -4.27 -47.33 9.63
CA ARG E 99 -5.23 -48.42 9.35
C ARG E 99 -5.49 -49.18 10.65
N ASP E 100 -6.33 -50.22 10.58
CA ASP E 100 -6.76 -51.04 11.74
C ASP E 100 -5.53 -51.67 12.41
N ASN E 101 -4.51 -52.02 11.62
CA ASN E 101 -3.23 -52.63 12.12
C ASN E 101 -2.22 -51.54 12.49
N ASN E 102 -2.69 -50.32 12.76
CA ASN E 102 -1.85 -49.16 13.16
C ASN E 102 -0.77 -48.91 12.11
N SER E 103 -1.04 -49.26 10.84
CA SER E 103 -0.14 -48.97 9.69
C SER E 103 -0.48 -47.59 9.13
N GLY E 104 0.54 -46.79 8.83
CA GLY E 104 0.37 -45.44 8.27
C GLY E 104 1.12 -44.41 9.10
N TRP E 105 0.50 -43.25 9.34
CA TRP E 105 1.14 -42.16 10.09
C TRP E 105 0.12 -41.45 10.97
N LYS E 106 0.63 -40.72 11.95
CA LYS E 106 -0.16 -40.12 13.03
C LYS E 106 0.54 -38.85 13.47
N VAL E 107 -0.24 -37.80 13.68
CA VAL E 107 0.20 -36.58 14.40
C VAL E 107 -0.51 -36.58 15.75
N SER E 108 0.26 -36.55 16.82
CA SER E 108 -0.26 -36.52 18.21
C SER E 108 0.39 -35.36 18.96
N LEU E 109 -0.19 -35.01 20.11
CA LEU E 109 0.32 -33.93 20.98
C LEU E 109 0.54 -34.49 22.37
N ASN E 110 1.30 -33.74 23.16
CA ASN E 110 1.46 -33.93 24.61
C ASN E 110 1.76 -32.56 25.20
N HIS E 111 2.00 -32.48 26.50
CA HIS E 111 2.22 -31.21 27.23
C HIS E 111 3.37 -30.46 26.56
N ASN E 112 3.04 -29.39 25.83
CA ASN E 112 4.00 -28.53 25.09
C ASN E 112 4.83 -29.37 24.12
N GLU E 113 4.24 -30.40 23.51
CA GLU E 113 4.99 -31.35 22.65
C GLU E 113 4.15 -31.69 21.40
N ILE E 114 4.82 -31.79 20.26
CA ILE E 114 4.24 -32.27 18.97
C ILE E 114 4.98 -33.55 18.59
N ILE E 115 4.23 -34.58 18.20
CA ILE E 115 4.81 -35.92 17.90
C ILE E 115 4.30 -36.36 16.52
N TRP E 116 5.22 -36.93 15.75
CA TRP E 116 4.92 -37.60 14.45
C TRP E 116 5.29 -39.07 14.58
N THR E 117 4.35 -39.96 14.28
CA THR E 117 4.59 -41.42 14.29
C THR E 117 4.37 -41.96 12.88
N LEU E 118 5.29 -42.80 12.41
CA LEU E 118 5.19 -43.49 11.10
C LEU E 118 5.41 -44.97 11.35
N GLN E 119 4.44 -45.80 10.98
CA GLN E 119 4.45 -47.26 11.21
C GLN E 119 4.14 -47.98 9.90
N ASP E 120 4.84 -49.09 9.65
CA ASP E 120 4.66 -49.95 8.46
C ASP E 120 3.63 -51.04 8.78
N ASN E 121 3.44 -51.97 7.85
CA ASN E 121 2.42 -53.05 7.94
C ASN E 121 2.87 -54.10 8.95
N ALA E 122 4.18 -54.20 9.21
CA ALA E 122 4.76 -55.21 10.13
C ALA E 122 4.80 -54.70 11.57
N GLY E 123 4.41 -53.44 11.81
CA GLY E 123 4.36 -52.87 13.17
C GLY E 123 5.64 -52.16 13.55
N ILE E 124 6.58 -52.03 12.61
CA ILE E 124 7.85 -51.28 12.87
C ILE E 124 7.55 -49.80 12.69
N ASN E 125 7.92 -48.99 13.69
CA ASN E 125 7.57 -47.56 13.72
C ASN E 125 8.80 -46.73 14.07
N GLN E 126 8.68 -45.44 13.80
CA GLN E 126 9.66 -44.40 14.21
C GLN E 126 8.86 -43.16 14.62
N LYS E 127 9.29 -42.51 15.69
CA LYS E 127 8.61 -41.31 16.22
C LYS E 127 9.60 -40.15 16.23
N LEU E 128 9.17 -39.00 15.69
CA LEU E 128 9.87 -37.70 15.79
C LEU E 128 9.03 -36.80 16.69
N ALA E 129 9.69 -35.93 17.44
CA ALA E 129 9.02 -35.09 18.45
C ALA E 129 9.69 -33.73 18.55
N PHE E 130 8.93 -32.76 19.00
CA PHE E 130 9.41 -31.41 19.33
C PHE E 130 8.72 -30.96 20.61
N ASN E 131 9.49 -30.79 21.67
CA ASN E 131 9.01 -30.28 22.97
C ASN E 131 9.48 -28.83 23.11
N TYR E 132 8.58 -27.87 22.90
CA TYR E 132 8.90 -26.42 22.98
C TYR E 132 8.88 -25.97 24.44
N GLY E 133 8.25 -26.73 25.33
CA GLY E 133 8.32 -26.49 26.77
C GLY E 133 7.55 -25.26 27.21
N ASN E 134 7.64 -24.95 28.50
CA ASN E 134 6.93 -23.80 29.12
C ASN E 134 7.60 -22.51 28.69
N ALA E 135 6.83 -21.43 28.64
CA ALA E 135 7.30 -20.09 28.25
C ALA E 135 8.33 -19.63 29.28
N ASN E 136 9.55 -19.35 28.81
CA ASN E 136 10.62 -18.67 29.56
C ASN E 136 10.75 -17.28 28.96
N GLY E 137 10.10 -16.29 29.57
CA GLY E 137 9.89 -14.96 28.97
C GLY E 137 8.77 -15.04 27.96
N ILE E 138 9.11 -14.93 26.68
CA ILE E 138 8.13 -15.01 25.56
C ILE E 138 8.32 -16.35 24.87
N SER E 139 7.24 -17.09 24.67
CA SER E 139 7.21 -18.37 23.92
C SER E 139 6.83 -18.10 22.46
N ASP E 140 7.52 -18.77 21.53
CA ASP E 140 7.27 -18.64 20.08
C ASP E 140 6.27 -19.69 19.60
N TYR E 141 5.69 -20.48 20.51
CA TYR E 141 4.86 -21.64 20.11
C TYR E 141 3.49 -21.60 20.80
N ILE E 142 3.45 -21.32 22.09
CA ILE E 142 2.21 -21.52 22.89
C ILE E 142 1.13 -20.58 22.38
N ASN E 143 0.02 -21.16 21.93
CA ASN E 143 -1.18 -20.47 21.38
C ASN E 143 -0.83 -19.76 20.09
N LYS E 144 0.36 -20.00 19.54
CA LYS E 144 0.76 -19.41 18.24
C LYS E 144 0.58 -20.46 17.15
N TRP E 145 0.44 -20.01 15.91
CA TRP E 145 0.50 -20.89 14.73
C TRP E 145 1.93 -21.41 14.60
N ILE E 146 2.09 -22.74 14.61
CA ILE E 146 3.38 -23.43 14.40
C ILE E 146 3.30 -24.18 13.07
N PHE E 147 4.30 -23.98 12.23
CA PHE E 147 4.40 -24.69 10.93
C PHE E 147 5.12 -26.00 11.18
N VAL E 148 4.41 -27.11 10.98
CA VAL E 148 4.95 -28.48 11.08
C VAL E 148 5.16 -29.00 9.66
N THR E 149 6.31 -29.59 9.40
CA THR E 149 6.62 -30.26 8.12
C THR E 149 7.33 -31.56 8.44
N ILE E 150 6.88 -32.67 7.84
CA ILE E 150 7.55 -33.98 7.95
C ILE E 150 7.89 -34.45 6.55
N THR E 151 9.17 -34.72 6.31
CA THR E 151 9.70 -35.30 5.05
C THR E 151 10.08 -36.75 5.35
N ASN E 152 9.93 -37.62 4.36
CA ASN E 152 10.20 -39.07 4.49
C ASN E 152 10.92 -39.55 3.23
N ASP E 153 12.24 -39.75 3.35
CA ASP E 153 13.05 -40.44 2.32
C ASP E 153 13.15 -41.90 2.72
N ARG E 154 12.57 -42.80 1.92
CA ARG E 154 12.45 -44.23 2.26
C ARG E 154 13.81 -44.93 2.18
N LEU E 155 14.83 -44.27 1.63
CA LEU E 155 16.23 -44.79 1.63
C LEU E 155 17.08 -43.98 2.61
N GLY E 156 16.47 -43.39 3.64
CA GLY E 156 17.18 -42.49 4.56
C GLY E 156 16.33 -42.12 5.76
N ASP E 157 16.34 -40.85 6.13
CA ASP E 157 15.77 -40.37 7.40
C ASP E 157 14.39 -39.79 7.14
N SER E 158 13.55 -39.89 8.17
CA SER E 158 12.34 -39.05 8.38
C SER E 158 12.78 -37.79 9.11
N LYS E 159 12.39 -36.62 8.61
CA LYS E 159 12.84 -35.32 9.16
C LYS E 159 11.60 -34.52 9.59
N LEU E 160 11.68 -33.89 10.76
CA LEU E 160 10.61 -33.04 11.30
C LEU E 160 11.14 -31.61 11.36
N TYR E 161 10.46 -30.69 10.67
CA TYR E 161 10.77 -29.25 10.63
C TYR E 161 9.69 -28.54 11.42
N ILE E 162 10.10 -27.62 12.28
CA ILE E 162 9.19 -26.67 12.97
C ILE E 162 9.54 -25.25 12.48
N ASN E 163 8.59 -24.58 11.86
CA ASN E 163 8.74 -23.19 11.36
C ASN E 163 9.97 -23.11 10.44
N GLY E 164 10.18 -24.14 9.61
CA GLY E 164 11.24 -24.15 8.59
C GLY E 164 12.56 -24.69 9.11
N ASN E 165 12.70 -24.91 10.42
CA ASN E 165 13.97 -25.35 11.06
C ASN E 165 13.91 -26.85 11.36
N LEU E 166 14.92 -27.60 10.92
CA LEU E 166 15.06 -29.03 11.23
C LEU E 166 15.41 -29.20 12.72
N ILE E 167 14.59 -29.93 13.47
CA ILE E 167 14.81 -30.12 14.93
C ILE E 167 14.90 -31.61 15.28
N ASP E 168 14.46 -32.52 14.40
CA ASP E 168 14.54 -33.98 14.67
C ASP E 168 14.64 -34.74 13.36
N GLN E 169 15.41 -35.83 13.36
CA GLN E 169 15.52 -36.76 12.22
C GLN E 169 15.92 -38.14 12.75
N LYS E 170 15.36 -39.19 12.14
CA LYS E 170 15.62 -40.59 12.51
C LYS E 170 15.45 -41.46 11.27
N SER E 171 16.30 -42.48 11.14
CA SER E 171 16.33 -43.40 9.99
C SER E 171 15.05 -44.23 9.97
N ILE E 172 14.47 -44.42 8.79
CA ILE E 172 13.27 -45.29 8.57
C ILE E 172 13.65 -46.43 7.62
N LEU E 173 14.94 -46.75 7.51
CA LEU E 173 15.43 -47.82 6.61
C LEU E 173 14.86 -49.18 7.02
N ASN E 174 14.50 -49.36 8.30
CA ASN E 174 14.00 -50.66 8.82
C ASN E 174 12.50 -50.81 8.57
N LEU E 175 11.83 -49.79 8.01
CA LEU E 175 10.38 -49.84 7.69
C LEU E 175 10.19 -50.31 6.25
N GLY E 176 9.33 -51.31 6.05
CA GLY E 176 9.00 -51.86 4.72
C GLY E 176 7.82 -51.16 4.10
N ASN E 177 6.82 -51.93 3.67
CA ASN E 177 5.62 -51.39 3.00
C ASN E 177 4.77 -50.63 4.01
N ILE E 178 4.52 -49.35 3.74
CA ILE E 178 3.61 -48.50 4.57
C ILE E 178 2.32 -48.30 3.77
N HIS E 179 1.20 -48.71 4.37
CA HIS E 179 -0.16 -48.55 3.81
C HIS E 179 -0.95 -47.66 4.76
N VAL E 180 -1.09 -46.38 4.39
CA VAL E 180 -1.79 -45.38 5.24
C VAL E 180 -3.29 -45.65 5.14
N SER E 181 -4.06 -45.02 6.01
CA SER E 181 -5.54 -45.10 6.03
C SER E 181 -6.10 -44.38 4.81
N ASP E 182 -7.24 -44.86 4.31
CA ASP E 182 -8.00 -44.19 3.23
C ASP E 182 -8.45 -42.83 3.74
N ASN E 183 -8.67 -42.71 5.05
CA ASN E 183 -9.23 -41.48 5.68
C ASN E 183 -8.14 -40.79 6.50
N ILE E 184 -8.11 -39.46 6.42
CA ILE E 184 -7.32 -38.59 7.33
C ILE E 184 -8.31 -37.92 8.27
N LEU E 185 -8.23 -38.25 9.56
CA LEU E 185 -9.19 -37.78 10.57
C LEU E 185 -8.53 -36.71 11.45
N PHE E 186 -9.04 -35.49 11.35
CA PHE E 186 -8.68 -34.36 12.25
C PHE E 186 -9.68 -34.40 13.40
N LYS E 187 -9.22 -34.88 14.55
CA LYS E 187 -10.09 -35.15 15.72
C LYS E 187 -9.19 -35.30 16.94
N ILE E 188 -9.53 -34.60 18.02
CA ILE E 188 -8.78 -34.68 19.31
C ILE E 188 -9.25 -35.92 20.04
N VAL E 189 -8.40 -36.94 20.08
CA VAL E 189 -8.75 -38.29 20.62
C VAL E 189 -7.85 -38.59 21.82
N ASN E 190 -8.47 -38.88 22.95
CA ASN E 190 -7.80 -39.36 24.19
C ASN E 190 -7.08 -38.22 24.90
N CYS E 191 -7.54 -36.97 24.77
CA CYS E 191 -7.04 -35.86 25.63
C CYS E 191 -7.80 -35.93 26.96
N SER E 192 -7.07 -35.89 28.08
CA SER E 192 -7.65 -36.08 29.44
C SER E 192 -8.44 -34.83 29.86
N TYR E 193 -8.24 -33.69 29.19
CA TYR E 193 -8.93 -32.42 29.52
C TYR E 193 -9.65 -31.92 28.27
N THR E 194 -10.64 -31.03 28.47
CA THR E 194 -11.40 -30.41 27.37
C THR E 194 -10.54 -29.29 26.79
N ARG E 195 -10.41 -29.25 25.48
CA ARG E 195 -9.57 -28.25 24.79
C ARG E 195 -9.98 -28.22 23.31
N TYR E 196 -9.53 -27.20 22.60
CA TYR E 196 -9.64 -27.14 21.13
C TYR E 196 -8.23 -27.03 20.54
N ILE E 197 -8.15 -27.25 19.23
CA ILE E 197 -6.89 -27.23 18.43
C ILE E 197 -7.19 -26.56 17.09
N GLY E 198 -6.30 -25.67 16.66
CA GLY E 198 -6.36 -25.05 15.33
C GLY E 198 -5.51 -25.80 14.33
N ILE E 199 -6.01 -25.97 13.11
CA ILE E 199 -5.26 -26.57 11.98
C ILE E 199 -5.46 -25.68 10.75
N ARG E 200 -4.45 -25.58 9.89
CA ARG E 200 -4.59 -24.83 8.63
C ARG E 200 -3.56 -25.32 7.61
N TYR E 201 -3.93 -25.24 6.34
CA TYR E 201 -3.03 -25.42 5.17
C TYR E 201 -2.41 -26.82 5.17
N PHE E 202 -3.23 -27.84 5.40
CA PHE E 202 -2.80 -29.25 5.38
C PHE E 202 -2.45 -29.64 3.93
N ASN E 203 -1.21 -30.08 3.71
CA ASN E 203 -0.69 -30.47 2.37
C ASN E 203 -0.03 -31.84 2.47
N ILE E 204 -0.30 -32.70 1.50
CA ILE E 204 0.48 -33.96 1.29
C ILE E 204 1.20 -33.86 -0.05
N PHE E 205 2.51 -34.07 -0.05
CA PHE E 205 3.38 -34.04 -1.24
C PHE E 205 3.96 -35.44 -1.48
N ASP E 206 4.18 -35.78 -2.75
CA ASP E 206 4.69 -37.10 -3.18
C ASP E 206 6.20 -37.03 -3.42
N LYS E 207 6.90 -36.17 -2.67
CA LYS E 207 8.38 -36.09 -2.69
C LYS E 207 8.90 -35.66 -1.32
N GLU E 208 10.20 -35.79 -1.12
CA GLU E 208 10.91 -35.29 0.08
C GLU E 208 11.23 -33.82 -0.19
N LEU E 209 10.57 -32.91 0.52
CA LEU E 209 10.82 -31.46 0.37
C LEU E 209 12.20 -31.14 0.94
N ASP E 210 12.92 -30.23 0.31
CA ASP E 210 14.23 -29.73 0.79
C ASP E 210 13.99 -28.45 1.58
N GLU E 211 15.03 -27.99 2.26
CA GLU E 211 14.98 -26.83 3.19
C GLU E 211 14.45 -25.60 2.46
N THR E 212 14.80 -25.41 1.19
CA THR E 212 14.36 -24.23 0.39
C THR E 212 12.84 -24.26 0.21
N GLU E 213 12.29 -25.42 -0.19
CA GLU E 213 10.83 -25.59 -0.41
C GLU E 213 10.07 -25.42 0.90
N ILE E 214 10.61 -25.93 2.01
CA ILE E 214 9.94 -25.86 3.34
C ILE E 214 9.91 -24.40 3.77
N GLN E 215 11.04 -23.68 3.63
CA GLN E 215 11.14 -22.26 4.04
C GLN E 215 10.25 -21.39 3.13
N THR E 216 10.08 -21.80 1.87
CA THR E 216 9.19 -21.07 0.93
C THR E 216 7.73 -21.21 1.41
N LEU E 217 7.31 -22.43 1.75
CA LEU E 217 5.95 -22.68 2.28
C LEU E 217 5.76 -21.86 3.55
N TYR E 218 6.75 -21.87 4.45
CA TYR E 218 6.70 -21.17 5.76
C TYR E 218 6.54 -19.67 5.56
N SER E 219 7.22 -19.10 4.56
CA SER E 219 7.20 -17.63 4.28
C SER E 219 5.90 -17.23 3.59
N ASN E 220 5.35 -18.08 2.71
CA ASN E 220 4.35 -17.65 1.72
C ASN E 220 2.95 -18.21 2.00
N GLU E 221 2.79 -19.19 2.89
CA GLU E 221 1.47 -19.86 3.06
C GLU E 221 0.48 -18.89 3.70
N PRO E 222 0.82 -18.20 4.81
CA PRO E 222 0.04 -17.05 5.21
C PRO E 222 0.38 -15.86 4.31
N ASN E 223 -0.63 -15.09 3.92
CA ASN E 223 -0.50 -13.95 2.98
C ASN E 223 0.57 -12.98 3.48
N THR E 224 1.67 -12.82 2.76
CA THR E 224 2.77 -11.89 3.17
C THR E 224 2.30 -10.44 3.09
N ASN E 225 1.25 -10.15 2.31
CA ASN E 225 0.75 -8.77 2.14
C ASN E 225 -0.01 -8.33 3.40
N ILE E 226 -0.53 -9.28 4.18
CA ILE E 226 -1.35 -9.00 5.40
C ILE E 226 -0.45 -9.12 6.62
N LEU E 227 -0.53 -8.14 7.51
CA LEU E 227 0.27 -8.14 8.76
C LEU E 227 -0.33 -9.18 9.71
N LYS E 228 0.52 -9.70 10.59
CA LYS E 228 0.16 -10.72 11.59
C LYS E 228 0.13 -10.11 12.98
N ASP E 229 -0.67 -10.68 13.86
CA ASP E 229 -0.65 -10.37 15.30
C ASP E 229 0.31 -11.35 15.99
N PHE E 230 0.43 -11.21 17.31
CA PHE E 230 1.36 -11.99 18.15
C PHE E 230 1.12 -13.48 17.96
N TRP E 231 -0.15 -13.89 17.83
CA TRP E 231 -0.55 -15.31 17.75
C TRP E 231 -0.32 -15.85 16.35
N GLY E 232 -0.16 -14.97 15.35
CA GLY E 232 0.10 -15.37 13.96
C GLY E 232 -1.16 -15.30 13.10
N ASN E 233 -2.25 -14.75 13.63
CA ASN E 233 -3.49 -14.48 12.85
C ASN E 233 -3.28 -13.16 12.12
N TYR E 234 -4.25 -12.74 11.31
CA TYR E 234 -4.20 -11.47 10.57
C TYR E 234 -4.37 -10.32 11.56
N LEU E 235 -3.57 -9.27 11.37
CA LEU E 235 -3.67 -8.02 12.15
C LEU E 235 -4.93 -7.28 11.68
N LEU E 236 -5.71 -6.74 12.63
CA LEU E 236 -7.06 -6.22 12.36
C LEU E 236 -7.15 -4.74 12.69
N TYR E 237 -7.98 -4.02 11.94
CA TYR E 237 -8.37 -2.62 12.23
C TYR E 237 -9.40 -2.64 13.35
N ASP E 238 -9.43 -1.57 14.13
CA ASP E 238 -10.43 -1.33 15.21
C ASP E 238 -10.46 -2.54 16.16
N LYS E 239 -9.28 -3.00 16.56
CA LYS E 239 -9.08 -4.09 17.55
C LYS E 239 -8.09 -3.62 18.61
N GLU E 240 -8.45 -3.78 19.89
CA GLU E 240 -7.56 -3.46 21.01
C GLU E 240 -6.39 -4.44 21.02
N TYR E 241 -5.18 -3.91 21.15
CA TYR E 241 -3.91 -4.68 21.18
C TYR E 241 -3.01 -4.13 22.28
N TYR E 242 -2.41 -5.01 23.07
CA TYR E 242 -1.21 -4.69 23.86
C TYR E 242 -0.01 -4.72 22.93
N LEU E 243 1.10 -4.11 23.37
CA LEU E 243 2.32 -3.95 22.55
C LEU E 243 3.47 -4.77 23.12
N LEU E 244 4.24 -5.35 22.22
CA LEU E 244 5.49 -6.05 22.57
C LEU E 244 6.60 -5.56 21.64
N ASN E 245 7.69 -5.09 22.24
CA ASN E 245 8.93 -4.74 21.52
C ASN E 245 9.81 -5.99 21.41
N VAL E 246 10.18 -6.37 20.19
CA VAL E 246 10.90 -7.64 19.93
C VAL E 246 12.27 -7.59 20.62
N LEU E 247 12.93 -6.44 20.65
CA LEU E 247 14.26 -6.29 21.29
C LEU E 247 14.13 -6.23 22.82
N LYS E 248 12.95 -5.89 23.35
CA LYS E 248 12.71 -5.76 24.81
C LYS E 248 11.51 -6.61 25.21
N PRO E 249 11.62 -7.96 25.14
CA PRO E 249 10.48 -8.83 25.42
C PRO E 249 10.08 -8.86 26.90
N ASN E 250 10.99 -8.50 27.82
CA ASN E 250 10.70 -8.52 29.27
C ASN E 250 10.11 -7.17 29.71
N ASN E 251 9.87 -6.26 28.77
CA ASN E 251 9.39 -4.89 29.08
C ASN E 251 8.03 -4.68 28.43
N PHE E 252 7.20 -3.82 29.04
CA PHE E 252 5.93 -3.37 28.44
C PHE E 252 5.87 -1.86 28.42
N ILE E 253 4.97 -1.34 27.60
CA ILE E 253 4.81 0.11 27.33
C ILE E 253 3.76 0.63 28.30
N ASP E 254 4.09 1.69 29.02
CA ASP E 254 3.12 2.38 29.90
C ASP E 254 3.06 3.86 29.51
N ARG E 255 2.01 4.51 29.98
CA ARG E 255 1.77 5.94 29.73
C ARG E 255 2.38 6.75 30.86
N ARG E 256 2.89 7.93 30.56
CA ARG E 256 3.36 8.91 31.56
C ARG E 256 2.33 10.03 31.68
N LYS E 257 2.45 10.87 32.71
CA LYS E 257 1.52 12.00 32.94
C LYS E 257 1.76 13.10 31.90
N ASP E 258 2.96 13.16 31.32
CA ASP E 258 3.33 14.21 30.33
C ASP E 258 2.95 13.75 28.90
N SER E 259 2.19 12.67 28.76
CA SER E 259 1.64 12.14 27.48
C SER E 259 2.67 11.28 26.74
N THR E 260 3.91 11.19 27.24
CA THR E 260 4.95 10.34 26.62
C THR E 260 4.72 8.88 27.01
N LEU E 261 5.33 7.97 26.26
CA LEU E 261 5.22 6.50 26.46
C LEU E 261 6.56 5.99 27.00
N SER E 262 6.51 5.20 28.06
CA SER E 262 7.69 4.67 28.77
C SER E 262 7.87 3.19 28.44
N ILE E 263 9.11 2.72 28.43
CA ILE E 263 9.48 1.30 28.17
C ILE E 263 10.24 0.71 29.36
N ASN E 264 10.51 1.49 30.41
CA ASN E 264 11.27 1.03 31.60
C ASN E 264 10.28 0.42 32.60
N ASN E 265 9.49 -0.55 32.15
CA ASN E 265 8.50 -1.27 32.98
C ASN E 265 8.74 -2.76 32.76
N ILE E 266 9.23 -3.45 33.78
CA ILE E 266 9.56 -4.91 33.67
C ILE E 266 8.24 -5.68 33.80
N ARG E 267 8.06 -6.67 32.94
CA ARG E 267 6.87 -7.54 32.98
C ARG E 267 6.94 -8.42 34.23
N SER E 268 5.81 -8.61 34.89
CA SER E 268 5.65 -9.65 35.94
C SER E 268 5.71 -11.02 35.26
N THR E 269 6.04 -12.05 36.03
CA THR E 269 6.10 -13.45 35.54
C THR E 269 5.11 -14.30 36.33
N ILE E 270 4.52 -15.26 35.63
CA ILE E 270 3.77 -16.42 36.19
C ILE E 270 4.65 -17.63 35.95
N LEU E 271 5.30 -18.12 37.00
CA LEU E 271 6.43 -19.07 36.95
C LEU E 271 7.56 -18.38 36.17
N LEU E 272 7.83 -18.78 34.92
CA LEU E 272 8.90 -18.12 34.13
C LEU E 272 8.30 -17.37 32.93
N ALA E 273 6.98 -17.26 32.84
CA ALA E 273 6.34 -16.68 31.64
C ALA E 273 5.98 -15.22 31.89
N ASN E 274 6.56 -14.32 31.08
CA ASN E 274 6.21 -12.88 31.09
C ASN E 274 4.68 -12.77 30.92
N ARG E 275 4.07 -11.81 31.62
CA ARG E 275 2.65 -11.44 31.39
C ARG E 275 2.54 -10.77 30.02
N LEU E 276 1.54 -11.15 29.23
CA LEU E 276 1.29 -10.59 27.87
C LEU E 276 0.30 -9.43 27.95
N TYR E 277 -0.67 -9.49 28.86
CA TYR E 277 -1.80 -8.52 28.94
C TYR E 277 -1.45 -7.37 29.88
N SER E 278 -0.27 -6.78 29.72
CA SER E 278 0.20 -5.63 30.52
C SER E 278 0.46 -4.44 29.59
N GLY E 279 0.34 -3.24 30.13
CA GLY E 279 0.70 -1.99 29.44
C GLY E 279 -0.49 -1.36 28.76
N ILE E 280 -0.20 -0.42 27.88
CA ILE E 280 -1.23 0.40 27.18
C ILE E 280 -1.89 -0.48 26.12
N LYS E 281 -3.11 -0.13 25.75
CA LYS E 281 -3.78 -0.72 24.58
C LYS E 281 -3.79 0.32 23.45
N VAL E 282 -3.66 -0.17 22.22
CA VAL E 282 -3.74 0.67 21.00
C VAL E 282 -4.80 0.06 20.09
N LYS E 283 -5.30 0.89 19.18
CA LYS E 283 -6.21 0.48 18.09
C LYS E 283 -5.70 1.09 16.80
N ILE E 284 -5.73 0.30 15.73
CA ILE E 284 -5.31 0.74 14.37
C ILE E 284 -6.57 1.18 13.64
N GLN E 285 -6.51 2.35 13.03
CA GLN E 285 -7.65 2.99 12.34
C GLN E 285 -7.25 3.28 10.90
N ARG E 286 -8.12 2.95 9.95
CA ARG E 286 -7.91 3.31 8.52
C ARG E 286 -8.01 4.83 8.37
N VAL E 287 -7.11 5.41 7.58
CA VAL E 287 -7.17 6.84 7.20
C VAL E 287 -8.23 6.96 6.11
N ASN E 288 -7.97 6.35 4.94
CA ASN E 288 -8.87 6.38 3.76
C ASN E 288 -9.86 5.23 3.91
N ASN E 289 -10.83 5.40 4.81
CA ASN E 289 -11.83 4.37 5.13
C ASN E 289 -12.82 4.27 3.96
N SER E 290 -13.22 3.05 3.63
CA SER E 290 -14.24 2.73 2.62
C SER E 290 -14.94 1.43 3.01
N SER E 291 -16.26 1.37 2.84
CA SER E 291 -17.11 0.20 3.18
C SER E 291 -16.85 -0.96 2.20
N THR E 292 -15.91 -0.81 1.26
CA THR E 292 -15.40 -1.91 0.38
C THR E 292 -14.21 -2.62 1.05
N ASN E 293 -13.40 -1.86 1.80
CA ASN E 293 -12.21 -2.39 2.52
C ASN E 293 -12.67 -3.34 3.62
N ASP E 294 -11.92 -4.43 3.82
CA ASP E 294 -12.09 -5.37 4.95
C ASP E 294 -11.39 -4.75 6.16
N ASN E 295 -11.22 -5.53 7.23
CA ASN E 295 -10.58 -5.09 8.50
C ASN E 295 -9.15 -5.63 8.59
N LEU E 296 -8.58 -6.13 7.50
CA LEU E 296 -7.18 -6.66 7.47
C LEU E 296 -6.19 -5.51 7.25
N VAL E 297 -5.15 -5.46 8.07
CA VAL E 297 -4.06 -4.44 7.96
C VAL E 297 -3.01 -5.00 7.01
N ARG E 298 -2.74 -4.28 5.92
CA ARG E 298 -1.84 -4.73 4.82
C ARG E 298 -0.60 -3.85 4.76
N LYS E 299 0.41 -4.36 4.07
CA LYS E 299 1.69 -3.63 3.82
C LYS E 299 1.40 -2.30 3.14
N ASN E 300 2.05 -1.23 3.63
CA ASN E 300 1.97 0.15 3.10
C ASN E 300 0.61 0.79 3.37
N ASP E 301 -0.19 0.22 4.26
CA ASP E 301 -1.48 0.85 4.67
C ASP E 301 -1.17 2.12 5.46
N GLN E 302 -1.80 3.24 5.08
CA GLN E 302 -1.77 4.49 5.85
C GLN E 302 -2.81 4.35 6.95
N VAL E 303 -2.41 4.54 8.21
CA VAL E 303 -3.28 4.27 9.39
C VAL E 303 -3.06 5.37 10.42
N TYR E 304 -3.91 5.38 11.45
CA TYR E 304 -3.69 6.09 12.72
C TYR E 304 -3.56 5.05 13.84
N ILE E 305 -2.63 5.28 14.76
CA ILE E 305 -2.48 4.45 15.99
C ILE E 305 -3.07 5.22 17.16
N ASN E 306 -4.12 4.69 17.76
CA ASN E 306 -4.89 5.36 18.84
C ASN E 306 -4.58 4.68 20.17
N PHE E 307 -4.18 5.49 21.15
CA PHE E 307 -4.07 5.06 22.56
C PHE E 307 -5.47 4.93 23.15
N VAL E 308 -5.70 3.84 23.86
CA VAL E 308 -7.03 3.50 24.47
C VAL E 308 -6.98 3.90 25.94
N ALA E 309 -7.47 5.10 26.27
CA ALA E 309 -7.54 5.59 27.66
C ALA E 309 -8.64 4.82 28.39
N SER E 310 -9.73 4.53 27.70
CA SER E 310 -10.85 3.66 28.17
C SER E 310 -11.54 3.10 26.93
N LYS E 311 -12.55 2.26 27.14
CA LYS E 311 -13.26 1.58 26.03
C LYS E 311 -13.75 2.60 25.00
N THR E 312 -14.29 3.74 25.45
CA THR E 312 -14.96 4.73 24.56
C THR E 312 -14.11 5.97 24.33
N HIS E 313 -12.88 6.02 24.86
CA HIS E 313 -11.98 7.20 24.74
C HIS E 313 -10.68 6.79 24.07
N LEU E 314 -10.52 7.17 22.79
CA LEU E 314 -9.28 6.95 22.01
C LEU E 314 -8.63 8.30 21.73
N PHE E 315 -7.32 8.38 21.89
CA PHE E 315 -6.50 9.59 21.65
C PHE E 315 -5.43 9.26 20.64
N PRO E 316 -5.25 10.07 19.58
CA PRO E 316 -4.25 9.79 18.56
C PRO E 316 -2.83 9.85 19.16
N LEU E 317 -2.01 8.87 18.80
CA LEU E 317 -0.55 8.90 19.07
C LEU E 317 0.13 9.64 17.93
N TYR E 318 1.00 10.59 18.24
CA TYR E 318 1.71 11.40 17.22
C TYR E 318 3.18 11.48 17.63
N ALA E 319 3.99 11.96 16.69
CA ALA E 319 5.43 12.27 16.89
C ALA E 319 5.56 13.74 17.24
N ASP E 320 6.02 14.04 18.45
CA ASP E 320 6.24 15.43 18.92
C ASP E 320 7.52 15.95 18.25
N THR E 321 7.35 16.71 17.18
CA THR E 321 8.46 17.25 16.35
C THR E 321 9.00 18.55 16.95
N ALA E 322 8.31 19.13 17.94
CA ALA E 322 8.70 20.42 18.58
C ALA E 322 9.88 20.18 19.54
N THR E 323 11.04 19.81 18.99
CA THR E 323 12.27 19.58 19.79
C THR E 323 13.46 19.69 18.84
N THR E 324 14.66 19.83 19.40
CA THR E 324 15.93 19.94 18.64
C THR E 324 16.52 18.56 18.37
N ASN E 325 15.97 17.50 18.98
CA ASN E 325 16.49 16.12 18.84
C ASN E 325 16.08 15.58 17.47
N LYS E 326 16.91 14.72 16.87
CA LYS E 326 16.57 14.00 15.63
C LYS E 326 15.39 13.06 15.89
N GLU E 327 15.52 12.24 16.93
CA GLU E 327 14.43 11.34 17.40
C GLU E 327 13.35 12.20 18.04
N LYS E 328 12.08 11.86 17.75
CA LYS E 328 10.89 12.55 18.31
C LYS E 328 10.18 11.56 19.24
N THR E 329 9.88 11.99 20.46
CA THR E 329 9.10 11.21 21.43
C THR E 329 7.69 11.06 20.90
N ILE E 330 7.11 9.87 21.07
CA ILE E 330 5.69 9.62 20.77
C ILE E 330 4.88 10.18 21.94
N LYS E 331 3.81 10.90 21.62
CA LYS E 331 2.94 11.55 22.62
C LYS E 331 1.50 11.15 22.35
N ILE E 332 0.72 11.11 23.41
CA ILE E 332 -0.76 11.00 23.37
C ILE E 332 -1.31 12.41 23.15
N SER E 333 -2.25 12.55 22.23
CA SER E 333 -2.93 13.84 21.92
C SER E 333 -4.24 13.90 22.68
N SER E 334 -4.27 14.61 23.82
CA SER E 334 -5.46 14.73 24.69
C SER E 334 -6.54 15.57 24.00
N SER E 335 -6.18 16.34 22.96
CA SER E 335 -7.11 17.23 22.22
C SER E 335 -7.76 16.49 21.05
N GLY E 336 -7.21 15.34 20.63
CA GLY E 336 -7.70 14.60 19.45
C GLY E 336 -7.06 15.10 18.16
N ASN E 337 -6.21 16.13 18.24
CA ASN E 337 -5.45 16.64 17.06
C ASN E 337 -4.45 15.57 16.62
N ARG E 338 -4.39 15.28 15.33
CA ARG E 338 -3.47 14.27 14.75
C ARG E 338 -2.17 14.93 14.27
N PHE E 339 -2.11 16.26 14.29
CA PHE E 339 -0.89 17.05 13.99
C PHE E 339 -0.42 16.76 12.57
N ASN E 340 -1.36 16.57 11.64
CA ASN E 340 -1.09 16.37 10.20
C ASN E 340 -0.11 15.21 10.00
N GLN E 341 -0.23 14.17 10.83
CA GLN E 341 0.66 13.00 10.77
C GLN E 341 -0.15 11.77 10.34
N VAL E 342 0.54 10.79 9.80
CA VAL E 342 -0.04 9.48 9.42
C VAL E 342 1.00 8.41 9.77
N VAL E 343 0.56 7.16 9.88
CA VAL E 343 1.49 6.03 10.11
C VAL E 343 1.37 5.08 8.93
N VAL E 344 2.52 4.66 8.40
CA VAL E 344 2.58 3.61 7.35
C VAL E 344 2.95 2.29 8.03
N MET E 345 2.14 1.26 7.79
CA MET E 345 2.40 -0.09 8.34
C MET E 345 3.29 -0.86 7.38
N ASN E 346 4.16 -1.69 7.93
CA ASN E 346 4.87 -2.71 7.14
C ASN E 346 5.29 -3.83 8.09
N SER E 347 5.95 -4.83 7.55
CA SER E 347 6.27 -6.07 8.29
C SER E 347 7.52 -6.69 7.70
N VAL E 348 8.29 -7.34 8.58
CA VAL E 348 9.34 -8.33 8.21
C VAL E 348 8.97 -9.62 8.93
N GLY E 349 8.51 -10.62 8.19
CA GLY E 349 7.94 -11.86 8.75
C GLY E 349 6.76 -11.53 9.64
N ASN E 350 6.79 -11.99 10.90
CA ASN E 350 5.69 -11.78 11.87
C ASN E 350 5.88 -10.45 12.62
N ASN E 351 6.99 -9.75 12.38
CA ASN E 351 7.33 -8.50 13.09
C ASN E 351 6.80 -7.30 12.30
N CYS E 352 6.23 -6.32 13.02
CA CYS E 352 5.51 -5.17 12.44
C CYS E 352 6.34 -3.90 12.64
N THR E 353 6.30 -3.00 11.65
CA THR E 353 6.95 -1.68 11.71
C THR E 353 5.88 -0.63 11.48
N MET E 354 6.08 0.52 12.12
CA MET E 354 5.17 1.68 12.06
C MET E 354 6.04 2.90 11.75
N ASN E 355 5.88 3.42 10.54
CA ASN E 355 6.61 4.62 10.05
C ASN E 355 5.74 5.86 10.24
N PHE E 356 6.10 6.70 11.21
CA PHE E 356 5.45 8.01 11.45
C PHE E 356 5.93 8.97 10.36
N LYS E 357 4.97 9.52 9.61
CA LYS E 357 5.22 10.46 8.50
C LYS E 357 4.28 11.66 8.61
N ASN E 358 4.69 12.76 7.98
CA ASN E 358 3.80 13.93 7.79
C ASN E 358 2.87 13.65 6.60
N ASN E 359 1.71 14.32 6.58
CA ASN E 359 0.72 14.21 5.49
C ASN E 359 1.33 14.62 4.15
N ASN E 360 2.36 15.47 4.16
CA ASN E 360 3.05 15.94 2.94
C ASN E 360 4.03 14.87 2.42
N GLY E 361 4.23 13.78 3.16
CA GLY E 361 5.07 12.64 2.74
C GLY E 361 6.42 12.64 3.44
N ASN E 362 6.65 13.59 4.35
CA ASN E 362 7.96 13.71 5.03
C ASN E 362 8.11 12.59 6.06
N ASN E 363 9.23 11.88 6.02
CA ASN E 363 9.56 10.81 7.00
C ASN E 363 9.90 11.47 8.35
N ILE E 364 9.30 10.97 9.42
CA ILE E 364 9.63 11.38 10.82
C ILE E 364 10.42 10.24 11.47
N GLY E 365 9.96 8.99 11.36
CA GLY E 365 10.80 7.84 11.71
C GLY E 365 10.00 6.58 12.02
N LEU E 366 10.68 5.44 12.05
CA LEU E 366 10.09 4.17 12.51
C LEU E 366 9.88 4.25 14.01
N LEU E 367 8.80 3.64 14.49
CA LEU E 367 8.53 3.53 15.94
C LEU E 367 9.57 2.61 16.58
N GLY E 368 10.34 3.14 17.52
CA GLY E 368 11.25 2.34 18.36
C GLY E 368 11.34 2.95 19.74
N PHE E 369 12.53 2.93 20.33
CA PHE E 369 12.75 3.56 21.65
C PHE E 369 14.17 4.10 21.74
N LYS E 370 14.36 5.04 22.65
CA LYS E 370 15.67 5.60 23.06
C LYS E 370 15.62 5.80 24.57
N ALA E 371 16.62 5.34 25.30
CA ALA E 371 16.66 5.33 26.77
C ALA E 371 15.40 4.64 27.30
N ASP E 372 14.46 5.37 27.90
CA ASP E 372 13.27 4.77 28.56
C ASP E 372 12.00 5.23 27.84
N THR E 373 12.10 5.86 26.68
CA THR E 373 10.95 6.52 26.01
C THR E 373 10.75 5.96 24.61
N VAL E 374 9.49 5.78 24.23
CA VAL E 374 9.09 5.36 22.86
C VAL E 374 9.25 6.57 21.95
N VAL E 375 9.97 6.40 20.84
CA VAL E 375 10.29 7.52 19.91
C VAL E 375 10.03 7.06 18.47
N ALA E 376 10.05 8.02 17.56
CA ALA E 376 10.15 7.80 16.11
C ALA E 376 11.56 8.23 15.67
N SER E 377 12.27 7.36 14.97
CA SER E 377 13.69 7.56 14.61
C SER E 377 13.94 7.11 13.17
N THR E 378 14.71 7.91 12.43
CA THR E 378 15.11 7.62 11.03
C THR E 378 16.33 6.69 11.02
N TRP E 379 16.96 6.49 12.19
CA TRP E 379 18.14 5.61 12.34
C TRP E 379 17.83 4.20 11.83
N TYR E 380 16.66 3.67 12.18
CA TYR E 380 16.24 2.28 11.83
C TYR E 380 16.27 2.09 10.31
N TYR E 381 15.92 3.12 9.53
CA TYR E 381 15.87 3.07 8.03
C TYR E 381 17.13 2.38 7.51
N THR E 382 18.30 2.71 8.07
CA THR E 382 19.62 2.24 7.57
C THR E 382 20.21 1.14 8.45
N HIS E 383 19.49 0.69 9.49
CA HIS E 383 19.97 -0.37 10.41
C HIS E 383 18.86 -1.39 10.69
N MET E 384 18.11 -1.80 9.66
CA MET E 384 17.02 -2.79 9.82
C MET E 384 17.60 -4.16 10.15
N ARG E 385 18.87 -4.42 9.84
CA ARG E 385 19.54 -5.74 10.03
C ARG E 385 20.97 -5.55 10.53
N ASP E 386 21.52 -6.62 11.12
CA ASP E 386 22.97 -6.82 11.35
C ASP E 386 23.48 -5.88 12.45
N HIS E 387 22.61 -5.06 13.05
CA HIS E 387 22.97 -4.22 14.21
C HIS E 387 22.32 -4.80 15.46
N THR E 388 22.96 -4.64 16.61
CA THR E 388 22.44 -5.13 17.90
C THR E 388 21.06 -4.52 18.19
N ASN E 389 20.84 -3.25 17.84
CA ASN E 389 19.61 -2.49 18.19
C ASN E 389 18.59 -2.52 17.06
N SER E 390 18.77 -3.37 16.04
CA SER E 390 17.94 -3.37 14.81
C SER E 390 16.48 -3.69 15.17
N ASN E 391 16.26 -4.64 16.09
CA ASN E 391 14.92 -5.20 16.38
C ASN E 391 14.12 -4.27 17.30
N GLY E 392 14.66 -3.11 17.68
CA GLY E 392 13.96 -2.11 18.51
C GLY E 392 12.81 -1.45 17.75
N CYS E 393 12.79 -1.60 16.42
CA CYS E 393 11.72 -1.03 15.55
C CYS E 393 10.70 -2.11 15.17
N PHE E 394 10.82 -3.31 15.74
CA PHE E 394 9.88 -4.44 15.48
C PHE E 394 8.92 -4.58 16.66
N TRP E 395 7.63 -4.69 16.34
CA TRP E 395 6.55 -4.71 17.35
C TRP E 395 5.65 -5.91 17.06
N ASN E 396 5.09 -6.47 18.12
CA ASN E 396 4.01 -7.48 18.03
C ASN E 396 2.76 -6.88 18.66
N PHE E 397 1.60 -7.21 18.11
CA PHE E 397 0.28 -6.75 18.59
C PHE E 397 -0.43 -7.91 19.29
N ILE E 398 -0.56 -7.81 20.61
CA ILE E 398 -1.10 -8.91 21.45
C ILE E 398 -2.59 -8.66 21.69
N SER E 399 -3.42 -9.59 21.21
CA SER E 399 -4.89 -9.60 21.41
C SER E 399 -5.19 -10.49 22.62
N GLU E 400 -6.02 -9.99 23.54
CA GLU E 400 -6.43 -10.73 24.75
C GLU E 400 -7.45 -11.78 24.32
N GLU E 401 -7.11 -13.06 24.47
CA GLU E 401 -7.90 -14.18 23.91
C GLU E 401 -8.05 -15.28 24.96
N HIS E 402 -9.06 -16.12 24.74
CA HIS E 402 -9.45 -17.23 25.64
C HIS E 402 -8.30 -18.26 25.73
N GLY E 403 -7.51 -18.42 24.66
CA GLY E 403 -6.47 -19.45 24.56
C GLY E 403 -5.28 -19.18 25.48
N TRP E 404 -5.11 -17.93 25.89
CA TRP E 404 -4.04 -17.49 26.83
C TRP E 404 -4.67 -16.69 27.96
N GLN E 405 -4.78 -17.30 29.15
CA GLN E 405 -5.41 -16.68 30.33
C GLN E 405 -4.34 -16.41 31.37
N GLU E 406 -4.48 -15.29 32.07
CA GLU E 406 -3.63 -14.95 33.23
C GLU E 406 -4.48 -14.15 34.20
N LYS E 407 -4.45 -14.52 35.48
CA LYS E 407 -5.11 -13.76 36.56
C LYS E 407 -4.01 -13.13 37.44
N ILE F 2 -25.92 11.30 -46.52
CA ILE F 2 -25.32 12.23 -47.57
C ILE F 2 -25.62 13.68 -47.16
N LYS F 3 -25.58 14.61 -48.13
CA LYS F 3 -25.92 16.04 -47.92
C LYS F 3 -27.23 16.41 -48.65
N SER F 4 -27.61 15.67 -49.70
CA SER F 4 -28.89 15.87 -50.43
C SER F 4 -30.07 15.65 -49.48
N SER F 5 -29.87 14.87 -48.40
CA SER F 5 -30.93 14.49 -47.42
C SER F 5 -30.89 15.39 -46.18
N SER F 6 -29.81 16.17 -45.97
CA SER F 6 -29.66 17.05 -44.78
C SER F 6 -30.69 18.18 -44.86
N VAL F 7 -31.68 18.18 -43.98
CA VAL F 7 -32.71 19.26 -43.90
C VAL F 7 -32.48 20.13 -42.66
N LEU F 8 -31.52 19.76 -41.80
CA LEU F 8 -31.10 20.62 -40.67
C LEU F 8 -29.68 20.23 -40.25
N ASN F 9 -28.78 21.21 -40.18
CA ASN F 9 -27.38 21.01 -39.70
C ASN F 9 -27.02 22.18 -38.79
N MET F 10 -26.94 21.91 -37.48
CA MET F 10 -26.52 22.91 -36.47
C MET F 10 -25.00 22.97 -36.41
N ARG F 11 -24.42 24.08 -36.87
CA ARG F 11 -22.95 24.28 -36.92
C ARG F 11 -22.64 25.65 -36.32
N TYR F 12 -21.46 25.77 -35.71
CA TYR F 12 -20.96 27.04 -35.16
C TYR F 12 -20.42 27.89 -36.30
N LYS F 13 -20.86 29.15 -36.37
CA LYS F 13 -20.32 30.15 -37.31
C LYS F 13 -20.63 31.55 -36.79
N ASN F 14 -19.61 32.40 -36.71
CA ASN F 14 -19.73 33.86 -36.53
C ASN F 14 -20.40 34.15 -35.19
N ASP F 15 -19.75 33.74 -34.09
CA ASP F 15 -20.13 34.10 -32.70
C ASP F 15 -21.32 33.27 -32.18
N LYS F 16 -21.98 32.48 -33.03
CA LYS F 16 -23.24 31.79 -32.67
C LYS F 16 -23.37 30.47 -33.45
N TYR F 17 -24.52 29.82 -33.31
CA TYR F 17 -24.91 28.58 -34.04
C TYR F 17 -25.90 28.93 -35.13
N VAL F 18 -25.72 28.31 -36.30
CA VAL F 18 -26.55 28.56 -37.51
C VAL F 18 -26.88 27.22 -38.14
N ASP F 19 -27.82 27.24 -39.08
CA ASP F 19 -28.20 26.08 -39.92
C ASP F 19 -27.46 26.21 -41.25
N THR F 20 -26.67 25.21 -41.62
CA THR F 20 -25.87 25.19 -42.87
C THR F 20 -26.56 24.32 -43.93
N SER F 21 -27.74 23.78 -43.64
CA SER F 21 -28.52 22.93 -44.59
C SER F 21 -28.97 23.78 -45.78
N GLY F 22 -29.24 25.07 -45.57
CA GLY F 22 -29.76 25.98 -46.60
C GLY F 22 -31.26 26.21 -46.46
N TYR F 23 -31.95 25.45 -45.62
CA TYR F 23 -33.41 25.61 -45.39
C TYR F 23 -33.67 26.72 -44.38
N ASP F 24 -32.62 27.31 -43.80
CA ASP F 24 -32.69 28.55 -42.99
C ASP F 24 -33.60 28.33 -41.79
N SER F 25 -33.22 27.41 -40.90
CA SER F 25 -33.78 27.30 -39.53
C SER F 25 -33.04 28.27 -38.63
N ASN F 26 -33.75 28.89 -37.69
CA ASN F 26 -33.18 29.88 -36.75
C ASN F 26 -32.72 29.15 -35.48
N ILE F 27 -31.58 29.55 -34.94
CA ILE F 27 -31.01 28.97 -33.69
C ILE F 27 -30.74 30.11 -32.72
N ASN F 28 -31.25 29.98 -31.49
CA ASN F 28 -31.13 31.02 -30.44
C ASN F 28 -30.52 30.39 -29.20
N ILE F 29 -29.52 31.08 -28.64
CA ILE F 29 -28.92 30.75 -27.32
C ILE F 29 -29.65 31.60 -26.29
N ASN F 30 -30.18 30.97 -25.24
CA ASN F 30 -30.80 31.67 -24.09
C ASN F 30 -29.99 31.34 -22.85
N GLY F 31 -29.38 32.36 -22.24
CA GLY F 31 -28.67 32.26 -20.96
C GLY F 31 -27.22 31.86 -21.14
N ASP F 32 -26.70 31.06 -20.21
CA ASP F 32 -25.27 30.68 -20.16
C ASP F 32 -25.11 29.34 -20.86
N VAL F 33 -24.73 29.35 -22.13
CA VAL F 33 -24.42 28.13 -22.89
C VAL F 33 -22.91 28.10 -23.11
N TYR F 34 -22.27 27.02 -22.67
CA TYR F 34 -20.80 26.85 -22.78
C TYR F 34 -20.46 26.53 -24.22
N LYS F 35 -19.38 27.14 -24.72
CA LYS F 35 -18.80 26.84 -26.04
C LYS F 35 -17.39 26.30 -25.83
N TYR F 36 -17.15 25.08 -26.31
CA TYR F 36 -15.83 24.42 -26.22
C TYR F 36 -14.82 25.22 -27.02
N PRO F 37 -13.77 25.77 -26.38
CA PRO F 37 -12.80 26.61 -27.07
C PRO F 37 -12.09 25.93 -28.25
N THR F 38 -11.86 24.62 -28.19
CA THR F 38 -11.10 23.87 -29.24
C THR F 38 -12.06 23.35 -30.32
N ASN F 39 -13.36 23.33 -30.04
CA ASN F 39 -14.40 22.94 -31.03
C ASN F 39 -15.72 23.59 -30.64
N LYS F 40 -16.00 24.79 -31.16
CA LYS F 40 -17.17 25.60 -30.74
C LYS F 40 -18.46 25.03 -31.34
N ASN F 41 -18.37 23.98 -32.16
CA ASN F 41 -19.57 23.22 -32.59
C ASN F 41 -20.14 22.44 -31.40
N GLN F 42 -19.31 22.19 -30.38
CA GLN F 42 -19.72 21.48 -29.14
C GLN F 42 -20.18 22.53 -28.14
N PHE F 43 -21.35 22.32 -27.52
CA PHE F 43 -21.89 23.25 -26.50
C PHE F 43 -22.36 22.47 -25.28
N GLY F 44 -22.27 23.13 -24.14
CA GLY F 44 -22.75 22.62 -22.85
C GLY F 44 -23.96 23.40 -22.39
N ILE F 45 -25.00 22.69 -21.97
CA ILE F 45 -26.22 23.27 -21.35
C ILE F 45 -26.22 22.86 -19.87
N TYR F 46 -26.62 23.80 -19.01
CA TYR F 46 -26.70 23.62 -17.54
C TYR F 46 -28.16 23.58 -17.13
N ASN F 47 -28.42 23.30 -15.84
CA ASN F 47 -29.80 23.26 -15.27
C ASN F 47 -29.86 23.98 -13.93
N ASP F 48 -28.78 24.66 -13.49
CA ASP F 48 -28.76 25.45 -12.25
C ASP F 48 -29.06 26.92 -12.57
N LYS F 49 -28.95 27.32 -13.84
CA LYS F 49 -29.27 28.69 -14.31
C LYS F 49 -29.96 28.58 -15.66
N LEU F 50 -30.37 29.71 -16.21
CA LEU F 50 -30.96 29.75 -17.58
C LEU F 50 -29.87 29.36 -18.57
N SER F 51 -30.08 28.23 -19.27
CA SER F 51 -29.11 27.65 -20.21
C SER F 51 -29.87 26.74 -21.18
N GLU F 52 -30.13 27.22 -22.39
CA GLU F 52 -30.86 26.42 -23.40
C GLU F 52 -30.44 26.87 -24.79
N VAL F 53 -30.74 26.02 -25.77
CA VAL F 53 -30.59 26.32 -27.21
C VAL F 53 -31.92 25.95 -27.87
N ASN F 54 -32.53 26.92 -28.54
CA ASN F 54 -33.84 26.72 -29.21
C ASN F 54 -33.62 26.88 -30.72
N ILE F 55 -33.99 25.84 -31.47
CA ILE F 55 -33.98 25.86 -32.96
C ILE F 55 -35.42 26.00 -33.43
N SER F 56 -35.76 27.18 -33.96
CA SER F 56 -37.05 27.43 -34.66
C SER F 56 -36.92 26.89 -36.09
N GLN F 57 -37.52 25.74 -36.35
CA GLN F 57 -37.43 25.04 -37.66
C GLN F 57 -38.15 25.88 -38.71
N ASN F 58 -37.57 25.96 -39.91
CA ASN F 58 -38.24 26.53 -41.10
C ASN F 58 -39.55 25.77 -41.33
N ASP F 59 -40.60 26.46 -41.77
CA ASP F 59 -41.95 25.90 -41.98
C ASP F 59 -41.90 24.70 -42.93
N TYR F 60 -40.88 24.61 -43.78
CA TYR F 60 -40.82 23.61 -44.87
C TYR F 60 -40.34 22.25 -44.34
N ILE F 61 -39.59 22.22 -43.23
CA ILE F 61 -38.90 20.98 -42.76
C ILE F 61 -39.62 20.37 -41.55
N ILE F 62 -40.66 21.02 -41.02
CA ILE F 62 -41.38 20.51 -39.82
C ILE F 62 -42.10 19.24 -40.23
N TYR F 63 -41.77 18.12 -39.59
CA TYR F 63 -42.28 16.77 -39.94
C TYR F 63 -43.79 16.73 -39.67
N ASP F 64 -44.58 16.51 -40.73
CA ASP F 64 -46.07 16.41 -40.67
C ASP F 64 -46.53 15.38 -41.70
N ASN F 65 -45.91 14.19 -41.72
CA ASN F 65 -46.28 13.11 -42.65
C ASN F 65 -46.59 11.83 -41.86
N LYS F 66 -46.95 10.77 -42.59
CA LYS F 66 -47.23 9.42 -42.06
C LYS F 66 -46.30 8.38 -42.68
N TYR F 67 -45.68 8.66 -43.84
CA TYR F 67 -44.90 7.67 -44.62
C TYR F 67 -43.46 8.13 -44.87
N LYS F 68 -43.09 9.34 -44.43
CA LYS F 68 -41.74 9.90 -44.71
C LYS F 68 -40.69 9.28 -43.78
N ASN F 69 -39.64 8.71 -44.38
CA ASN F 69 -38.48 8.18 -43.61
C ASN F 69 -37.66 9.39 -43.16
N PHE F 70 -37.20 9.40 -41.90
CA PHE F 70 -36.37 10.50 -41.37
C PHE F 70 -35.37 9.98 -40.34
N SER F 71 -34.23 10.67 -40.24
CA SER F 71 -33.12 10.33 -39.33
C SER F 71 -32.76 11.54 -38.49
N ILE F 72 -32.31 11.28 -37.27
CA ILE F 72 -31.73 12.29 -36.34
C ILE F 72 -30.36 11.80 -35.90
N SER F 73 -29.37 12.67 -35.96
CA SER F 73 -27.96 12.38 -35.60
C SER F 73 -27.44 13.48 -34.69
N PHE F 74 -26.64 13.11 -33.70
CA PHE F 74 -25.93 14.05 -32.82
C PHE F 74 -24.96 13.26 -31.94
N TRP F 75 -24.12 13.99 -31.23
CA TRP F 75 -23.25 13.43 -30.18
C TRP F 75 -23.65 14.07 -28.86
N VAL F 76 -23.62 13.27 -27.80
CA VAL F 76 -23.98 13.71 -26.43
C VAL F 76 -22.83 13.32 -25.49
N ARG F 77 -22.59 14.17 -24.51
CA ARG F 77 -21.55 13.93 -23.48
C ARG F 77 -22.20 14.09 -22.10
N ILE F 78 -22.16 13.01 -21.32
CA ILE F 78 -22.94 12.88 -20.06
C ILE F 78 -21.97 12.57 -18.93
N PRO F 79 -21.55 13.59 -18.13
CA PRO F 79 -20.72 13.33 -16.96
C PRO F 79 -21.49 12.66 -15.81
N ASN F 80 -20.86 11.75 -15.07
CA ASN F 80 -21.44 11.09 -13.87
C ASN F 80 -20.83 11.71 -12.61
N TYR F 81 -19.85 12.61 -12.75
CA TYR F 81 -19.12 13.27 -11.64
C TYR F 81 -18.57 12.18 -10.70
N ASP F 82 -19.13 12.01 -9.50
CA ASP F 82 -18.62 11.07 -8.46
C ASP F 82 -19.31 9.70 -8.59
N ASN F 83 -20.26 9.54 -9.53
CA ASN F 83 -20.96 8.28 -9.88
C ASN F 83 -22.00 7.89 -8.82
N LYS F 84 -22.32 8.80 -7.90
CA LYS F 84 -23.37 8.58 -6.86
C LYS F 84 -24.48 9.62 -7.02
N ILE F 85 -24.10 10.90 -7.15
CA ILE F 85 -25.07 12.02 -7.35
C ILE F 85 -26.04 11.69 -8.49
N VAL F 86 -25.60 10.92 -9.50
CA VAL F 86 -26.41 10.59 -10.71
C VAL F 86 -27.20 9.30 -10.50
N ASN F 87 -26.92 8.55 -9.42
CA ASN F 87 -27.56 7.24 -9.16
C ASN F 87 -28.97 7.50 -8.62
N VAL F 88 -29.92 7.70 -9.52
CA VAL F 88 -31.35 7.94 -9.19
C VAL F 88 -32.19 7.61 -10.43
N ASN F 89 -33.24 6.82 -10.24
CA ASN F 89 -34.19 6.44 -11.31
C ASN F 89 -35.12 7.64 -11.55
N ASN F 90 -34.77 8.47 -12.53
CA ASN F 90 -35.57 9.66 -12.92
C ASN F 90 -35.21 10.02 -14.36
N GLU F 91 -36.11 9.69 -15.28
CA GLU F 91 -35.99 10.01 -16.72
C GLU F 91 -36.16 11.53 -16.88
N TYR F 92 -35.08 12.22 -17.25
CA TYR F 92 -35.07 13.68 -17.54
C TYR F 92 -34.76 13.86 -19.02
N THR F 93 -35.39 14.85 -19.64
CA THR F 93 -35.31 15.09 -21.10
C THR F 93 -34.22 16.13 -21.36
N ILE F 94 -33.53 15.99 -22.48
CA ILE F 94 -32.44 16.92 -22.89
C ILE F 94 -32.82 17.60 -24.20
N ILE F 95 -33.42 16.88 -25.15
CA ILE F 95 -33.85 17.45 -26.46
C ILE F 95 -35.34 17.19 -26.66
N ASN F 96 -36.13 18.26 -26.79
CA ASN F 96 -37.61 18.23 -26.83
C ASN F 96 -38.10 18.82 -28.15
N CYS F 97 -38.72 18.00 -28.97
CA CYS F 97 -39.38 18.43 -30.23
C CYS F 97 -40.79 17.83 -30.25
N MET F 98 -41.54 18.10 -29.19
CA MET F 98 -42.93 17.63 -29.03
C MET F 98 -43.82 18.83 -28.71
N ARG F 99 -45.00 18.87 -29.32
CA ARG F 99 -45.93 20.01 -29.25
C ARG F 99 -46.63 20.02 -27.89
N ASP F 100 -47.63 20.88 -27.74
CA ASP F 100 -48.42 21.05 -26.49
C ASP F 100 -49.02 19.69 -26.08
N ASN F 101 -49.41 18.87 -27.06
CA ASN F 101 -50.04 17.54 -26.84
C ASN F 101 -48.98 16.43 -26.88
N ASN F 102 -47.71 16.79 -26.66
CA ASN F 102 -46.57 15.84 -26.61
C ASN F 102 -46.56 14.97 -27.88
N SER F 103 -46.80 15.58 -29.04
CA SER F 103 -46.70 14.93 -30.38
C SER F 103 -45.37 15.34 -31.02
N GLY F 104 -44.58 14.37 -31.47
CA GLY F 104 -43.26 14.60 -32.09
C GLY F 104 -42.23 13.61 -31.61
N TRP F 105 -41.05 14.09 -31.19
CA TRP F 105 -39.98 13.22 -30.70
C TRP F 105 -39.24 13.87 -29.54
N LYS F 106 -38.57 13.03 -28.77
CA LYS F 106 -37.89 13.43 -27.52
C LYS F 106 -36.65 12.57 -27.34
N VAL F 107 -35.57 13.19 -26.87
CA VAL F 107 -34.36 12.50 -26.37
C VAL F 107 -34.26 12.82 -24.88
N SER F 108 -34.26 11.76 -24.07
CA SER F 108 -34.26 11.84 -22.59
C SER F 108 -33.18 10.91 -22.03
N LEU F 109 -32.67 11.28 -20.86
CA LEU F 109 -31.58 10.55 -20.18
C LEU F 109 -32.09 10.03 -18.84
N ASN F 110 -31.63 8.83 -18.48
CA ASN F 110 -31.70 8.29 -17.11
C ASN F 110 -30.28 7.95 -16.68
N HIS F 111 -30.10 7.46 -15.46
CA HIS F 111 -28.77 7.04 -14.94
C HIS F 111 -28.15 6.07 -15.94
N ASN F 112 -27.03 6.48 -16.56
CA ASN F 112 -26.27 5.68 -17.55
C ASN F 112 -27.20 5.16 -18.64
N GLU F 113 -28.17 5.97 -19.07
CA GLU F 113 -29.19 5.56 -20.05
C GLU F 113 -29.51 6.74 -20.99
N ILE F 114 -29.68 6.43 -22.27
CA ILE F 114 -30.16 7.38 -23.31
C ILE F 114 -31.43 6.80 -23.90
N ILE F 115 -32.50 7.60 -23.92
CA ILE F 115 -33.86 7.15 -24.35
C ILE F 115 -34.34 8.04 -25.48
N TRP F 116 -34.86 7.40 -26.53
CA TRP F 116 -35.47 8.05 -27.70
C TRP F 116 -36.97 7.73 -27.71
N THR F 117 -37.81 8.75 -27.85
CA THR F 117 -39.28 8.63 -27.80
C THR F 117 -39.89 9.28 -29.04
N LEU F 118 -40.75 8.55 -29.74
CA LEU F 118 -41.49 9.05 -30.93
C LEU F 118 -42.99 8.86 -30.69
N GLN F 119 -43.74 9.97 -30.62
CA GLN F 119 -45.19 9.97 -30.30
C GLN F 119 -45.96 10.61 -31.47
N ASP F 120 -47.03 9.95 -31.90
CA ASP F 120 -47.88 10.42 -33.03
C ASP F 120 -48.93 11.39 -32.51
N ASN F 121 -49.76 11.90 -33.44
CA ASN F 121 -50.82 12.90 -33.15
C ASN F 121 -51.90 12.28 -32.27
N ALA F 122 -52.26 11.02 -32.53
CA ALA F 122 -53.26 10.26 -31.74
C ALA F 122 -52.81 10.14 -30.28
N GLY F 123 -51.51 9.92 -30.05
CA GLY F 123 -50.94 9.76 -28.69
C GLY F 123 -50.19 8.45 -28.54
N ILE F 124 -50.24 7.57 -29.55
CA ILE F 124 -49.45 6.30 -29.58
C ILE F 124 -47.97 6.67 -29.65
N ASN F 125 -47.16 5.99 -28.84
CA ASN F 125 -45.71 6.27 -28.75
C ASN F 125 -44.95 4.97 -28.92
N GLN F 126 -43.65 5.11 -29.17
CA GLN F 126 -42.68 4.01 -29.26
C GLN F 126 -41.34 4.54 -28.78
N LYS F 127 -40.63 3.75 -27.98
CA LYS F 127 -39.37 4.17 -27.34
C LYS F 127 -38.27 3.19 -27.72
N LEU F 128 -37.04 3.71 -27.83
CA LEU F 128 -35.81 2.91 -27.85
C LEU F 128 -34.92 3.43 -26.74
N ALA F 129 -33.97 2.61 -26.29
CA ALA F 129 -33.09 2.96 -25.17
C ALA F 129 -31.75 2.26 -25.32
N PHE F 130 -30.75 2.83 -24.67
CA PHE F 130 -29.39 2.28 -24.55
C PHE F 130 -28.91 2.53 -23.13
N ASN F 131 -28.67 1.45 -22.38
CA ASN F 131 -28.09 1.50 -21.02
C ASN F 131 -26.67 0.95 -21.12
N TYR F 132 -25.67 1.80 -20.87
CA TYR F 132 -24.24 1.43 -21.03
C TYR F 132 -23.69 0.91 -19.71
N GLY F 133 -24.39 1.17 -18.60
CA GLY F 133 -24.05 0.58 -17.29
C GLY F 133 -22.88 1.29 -16.64
N ASN F 134 -22.57 0.91 -15.41
CA ASN F 134 -21.46 1.50 -14.62
C ASN F 134 -20.13 1.03 -15.17
N ALA F 135 -19.07 1.78 -14.88
CA ALA F 135 -17.70 1.48 -15.34
C ALA F 135 -17.24 0.17 -14.71
N ASN F 136 -16.93 -0.82 -15.55
CA ASN F 136 -16.28 -2.10 -15.14
C ASN F 136 -14.88 -2.13 -15.74
N GLY F 137 -13.92 -1.53 -15.04
CA GLY F 137 -12.58 -1.22 -15.58
C GLY F 137 -12.58 0.17 -16.19
N ILE F 138 -12.66 0.24 -17.52
CA ILE F 138 -12.70 1.52 -18.29
C ILE F 138 -14.02 1.57 -19.05
N SER F 139 -14.82 2.60 -18.81
CA SER F 139 -16.10 2.84 -19.51
C SER F 139 -15.82 3.58 -20.81
N ASP F 140 -16.43 3.10 -21.90
CA ASP F 140 -16.33 3.72 -23.25
C ASP F 140 -17.40 4.79 -23.46
N TYR F 141 -18.21 5.13 -22.45
CA TYR F 141 -19.39 6.02 -22.61
C TYR F 141 -19.41 7.15 -21.59
N ILE F 142 -19.04 6.87 -20.33
CA ILE F 142 -19.20 7.86 -19.23
C ILE F 142 -18.25 9.04 -19.43
N ASN F 143 -18.82 10.23 -19.59
CA ASN F 143 -18.11 11.54 -19.74
C ASN F 143 -17.36 11.58 -21.07
N LYS F 144 -17.68 10.66 -21.99
CA LYS F 144 -17.14 10.68 -23.36
C LYS F 144 -18.23 11.12 -24.32
N TRP F 145 -17.83 11.57 -25.51
CA TRP F 145 -18.76 11.85 -26.62
C TRP F 145 -19.32 10.50 -27.08
N ILE F 146 -20.65 10.43 -27.18
CA ILE F 146 -21.37 9.23 -27.69
C ILE F 146 -22.12 9.69 -28.94
N PHE F 147 -21.92 8.99 -30.05
CA PHE F 147 -22.62 9.27 -31.32
C PHE F 147 -23.94 8.53 -31.29
N VAL F 148 -25.03 9.30 -31.19
CA VAL F 148 -26.43 8.78 -31.20
C VAL F 148 -26.99 9.02 -32.59
N THR F 149 -27.51 7.97 -33.21
CA THR F 149 -28.21 8.05 -34.51
C THR F 149 -29.55 7.34 -34.35
N ILE F 150 -30.59 7.88 -34.96
CA ILE F 150 -31.96 7.31 -34.94
C ILE F 150 -32.54 7.39 -36.35
N THR F 151 -32.75 6.24 -36.98
CA THR F 151 -33.42 6.13 -38.29
C THR F 151 -34.85 5.66 -38.08
N ASN F 152 -35.77 6.18 -38.88
CA ASN F 152 -37.22 5.91 -38.78
C ASN F 152 -37.74 5.58 -40.18
N ASP F 153 -37.97 4.30 -40.45
CA ASP F 153 -38.69 3.80 -41.66
C ASP F 153 -40.17 3.62 -41.29
N ARG F 154 -41.04 4.50 -41.80
CA ARG F 154 -42.48 4.54 -41.43
C ARG F 154 -43.17 3.25 -41.87
N LEU F 155 -42.62 2.53 -42.86
CA LEU F 155 -43.16 1.22 -43.30
C LEU F 155 -42.35 0.08 -42.66
N GLY F 156 -41.76 0.31 -41.49
CA GLY F 156 -40.90 -0.69 -40.83
C GLY F 156 -40.56 -0.29 -39.40
N ASP F 157 -39.29 -0.46 -39.03
CA ASP F 157 -38.80 -0.27 -37.65
C ASP F 157 -38.13 1.10 -37.54
N SER F 158 -38.16 1.68 -36.34
CA SER F 158 -37.26 2.76 -35.88
C SER F 158 -36.05 2.11 -35.23
N LYS F 159 -34.83 2.53 -35.61
CA LYS F 159 -33.57 1.92 -35.15
C LYS F 159 -32.72 2.99 -34.44
N LEU F 160 -32.10 2.60 -33.32
CA LEU F 160 -31.19 3.46 -32.53
C LEU F 160 -29.77 2.89 -32.66
N TYR F 161 -28.85 3.71 -33.14
CA TYR F 161 -27.42 3.37 -33.29
C TYR F 161 -26.62 4.15 -32.23
N ILE F 162 -25.66 3.46 -31.61
CA ILE F 162 -24.68 4.10 -30.70
C ILE F 162 -23.29 3.83 -31.27
N ASN F 163 -22.57 4.90 -31.61
CA ASN F 163 -21.21 4.85 -32.20
C ASN F 163 -21.24 4.00 -33.48
N GLY F 164 -22.33 4.11 -34.25
CA GLY F 164 -22.46 3.47 -35.58
C GLY F 164 -22.94 2.03 -35.51
N ASN F 165 -23.18 1.48 -34.32
CA ASN F 165 -23.64 0.07 -34.15
C ASN F 165 -25.09 0.07 -33.69
N LEU F 166 -25.95 -0.67 -34.41
CA LEU F 166 -27.38 -0.82 -34.05
C LEU F 166 -27.49 -1.56 -32.71
N ILE F 167 -28.30 -1.05 -31.79
CA ILE F 167 -28.43 -1.62 -30.42
C ILE F 167 -29.91 -1.82 -30.05
N ASP F 168 -30.86 -1.21 -30.75
CA ASP F 168 -32.30 -1.39 -30.47
C ASP F 168 -33.12 -1.00 -31.70
N GLN F 169 -34.03 -1.87 -32.10
CA GLN F 169 -34.95 -1.64 -33.24
C GLN F 169 -36.35 -2.12 -32.85
N LYS F 170 -37.32 -1.23 -32.93
CA LYS F 170 -38.75 -1.54 -32.67
C LYS F 170 -39.56 -1.03 -33.85
N SER F 171 -40.54 -1.83 -34.29
CA SER F 171 -41.46 -1.49 -35.40
C SER F 171 -42.27 -0.27 -35.01
N ILE F 172 -42.58 0.59 -35.99
CA ILE F 172 -43.38 1.83 -35.81
C ILE F 172 -44.55 1.83 -36.80
N LEU F 173 -44.93 0.65 -37.31
CA LEU F 173 -46.02 0.51 -38.32
C LEU F 173 -47.34 1.01 -37.72
N ASN F 174 -47.52 0.90 -36.40
CA ASN F 174 -48.81 1.24 -35.72
C ASN F 174 -48.92 2.75 -35.48
N LEU F 175 -47.89 3.53 -35.79
CA LEU F 175 -47.92 5.02 -35.63
C LEU F 175 -48.44 5.64 -36.92
N GLY F 176 -49.32 6.64 -36.79
CA GLY F 176 -49.97 7.29 -37.94
C GLY F 176 -49.24 8.55 -38.36
N ASN F 177 -49.79 9.71 -38.00
CA ASN F 177 -49.25 11.04 -38.39
C ASN F 177 -48.54 11.64 -37.19
N ILE F 178 -47.28 12.03 -37.37
CA ILE F 178 -46.50 12.77 -36.34
C ILE F 178 -46.35 14.21 -36.82
N HIS F 179 -46.85 15.15 -36.03
CA HIS F 179 -46.65 16.61 -36.20
C HIS F 179 -45.71 17.06 -35.10
N VAL F 180 -44.42 17.12 -35.41
CA VAL F 180 -43.35 17.46 -34.44
C VAL F 180 -43.50 18.96 -34.09
N SER F 181 -42.82 19.39 -33.03
CA SER F 181 -42.88 20.80 -32.57
C SER F 181 -42.21 21.71 -33.61
N ASP F 182 -42.59 22.98 -33.63
CA ASP F 182 -41.91 24.02 -34.44
C ASP F 182 -40.49 24.22 -33.91
N ASN F 183 -40.30 24.01 -32.60
CA ASN F 183 -39.02 24.26 -31.90
C ASN F 183 -38.37 22.93 -31.52
N ILE F 184 -37.04 22.88 -31.60
CA ILE F 184 -36.19 21.81 -31.02
C ILE F 184 -35.44 22.44 -29.84
N LEU F 185 -35.78 22.03 -28.63
CA LEU F 185 -35.26 22.68 -27.39
C LEU F 185 -34.21 21.77 -26.75
N PHE F 186 -32.96 22.25 -26.74
CA PHE F 186 -31.84 21.63 -26.00
C PHE F 186 -31.83 22.26 -24.60
N LYS F 187 -32.31 21.50 -23.63
CA LYS F 187 -32.53 22.00 -22.24
C LYS F 187 -32.70 20.78 -21.33
N ILE F 188 -32.10 20.84 -20.15
CA ILE F 188 -32.19 19.77 -19.13
C ILE F 188 -33.43 20.06 -18.28
N VAL F 189 -34.44 19.22 -18.40
CA VAL F 189 -35.79 19.45 -17.81
C VAL F 189 -36.12 18.30 -16.86
N ASN F 190 -36.38 18.65 -15.59
CA ASN F 190 -36.87 17.72 -14.53
C ASN F 190 -35.72 16.75 -14.19
N CYS F 191 -34.54 17.29 -13.92
CA CYS F 191 -33.37 16.51 -13.41
C CYS F 191 -33.26 16.70 -11.90
N SER F 192 -33.16 15.59 -11.16
CA SER F 192 -33.14 15.57 -9.67
C SER F 192 -31.98 16.42 -9.16
N TYR F 193 -30.85 16.39 -9.86
CA TYR F 193 -29.56 16.99 -9.40
C TYR F 193 -29.15 18.09 -10.37
N THR F 194 -28.23 18.94 -9.91
CA THR F 194 -27.53 19.95 -10.73
C THR F 194 -26.51 19.24 -11.61
N ARG F 195 -26.55 19.49 -12.92
CA ARG F 195 -25.63 18.85 -13.89
C ARG F 195 -25.50 19.74 -15.13
N TYR F 196 -24.66 19.30 -16.07
CA TYR F 196 -24.60 19.86 -17.44
C TYR F 196 -24.48 18.70 -18.43
N ILE F 197 -24.83 18.98 -19.68
CA ILE F 197 -24.84 18.00 -20.80
C ILE F 197 -24.14 18.67 -21.99
N GLY F 198 -23.40 17.89 -22.76
CA GLY F 198 -22.71 18.34 -23.98
C GLY F 198 -23.40 17.81 -25.21
N ILE F 199 -23.60 18.66 -26.20
CA ILE F 199 -24.22 18.30 -27.51
C ILE F 199 -23.32 18.82 -28.64
N ARG F 200 -23.26 18.09 -29.73
CA ARG F 200 -22.54 18.57 -30.93
C ARG F 200 -23.08 17.88 -32.19
N TYR F 201 -22.97 18.58 -33.32
CA TYR F 201 -23.18 18.05 -34.69
C TYR F 201 -24.60 17.56 -34.89
N PHE F 202 -25.58 18.24 -34.29
CA PHE F 202 -27.02 17.88 -34.41
C PHE F 202 -27.44 18.03 -35.87
N ASN F 203 -27.99 16.96 -36.44
CA ASN F 203 -28.40 16.88 -37.86
C ASN F 203 -29.78 16.25 -37.93
N ILE F 204 -30.60 16.71 -38.87
CA ILE F 204 -31.85 16.04 -39.28
C ILE F 204 -31.76 15.74 -40.78
N PHE F 205 -32.08 14.49 -41.14
CA PHE F 205 -32.16 14.03 -42.54
C PHE F 205 -33.57 13.53 -42.83
N ASP F 206 -34.01 13.65 -44.08
CA ASP F 206 -35.37 13.27 -44.53
C ASP F 206 -35.31 11.91 -45.25
N LYS F 207 -34.47 11.01 -44.76
CA LYS F 207 -34.44 9.60 -45.25
C LYS F 207 -34.00 8.71 -44.08
N GLU F 208 -34.14 7.40 -44.27
CA GLU F 208 -33.61 6.37 -43.37
C GLU F 208 -32.14 6.15 -43.74
N LEU F 209 -31.22 6.62 -42.91
CA LEU F 209 -29.76 6.39 -43.15
C LEU F 209 -29.48 4.89 -43.01
N ASP F 210 -28.62 4.36 -43.88
CA ASP F 210 -28.15 2.95 -43.79
C ASP F 210 -26.85 2.91 -42.97
N GLU F 211 -26.47 1.72 -42.51
CA GLU F 211 -25.29 1.49 -41.65
C GLU F 211 -24.08 2.20 -42.24
N THR F 212 -23.93 2.19 -43.57
CA THR F 212 -22.75 2.77 -44.28
C THR F 212 -22.72 4.30 -44.08
N GLU F 213 -23.85 4.98 -44.26
CA GLU F 213 -23.96 6.45 -44.10
C GLU F 213 -23.70 6.81 -42.63
N ILE F 214 -24.25 6.02 -41.70
CA ILE F 214 -24.11 6.27 -40.23
C ILE F 214 -22.64 6.08 -39.85
N GLN F 215 -21.94 5.13 -40.48
CA GLN F 215 -20.51 4.88 -40.19
C GLN F 215 -19.67 6.01 -40.76
N THR F 216 -20.04 6.50 -41.95
CA THR F 216 -19.36 7.67 -42.59
C THR F 216 -19.50 8.89 -41.67
N LEU F 217 -20.68 9.10 -41.11
CA LEU F 217 -20.92 10.23 -40.16
C LEU F 217 -20.06 10.02 -38.92
N TYR F 218 -20.08 8.81 -38.36
CA TYR F 218 -19.36 8.47 -37.10
C TYR F 218 -17.85 8.69 -37.29
N SER F 219 -17.33 8.41 -38.47
CA SER F 219 -15.88 8.47 -38.77
C SER F 219 -15.46 9.91 -39.12
N ASN F 220 -16.28 10.65 -39.86
CA ASN F 220 -15.86 11.90 -40.54
C ASN F 220 -16.30 13.16 -39.78
N GLU F 221 -17.28 13.08 -38.87
CA GLU F 221 -17.86 14.30 -38.25
C GLU F 221 -16.80 15.01 -37.40
N PRO F 222 -16.10 14.33 -36.46
CA PRO F 222 -14.93 14.95 -35.85
C PRO F 222 -13.75 14.84 -36.81
N ASN F 223 -12.89 15.86 -36.85
CA ASN F 223 -11.75 15.96 -37.79
C ASN F 223 -10.82 14.75 -37.61
N THR F 224 -10.67 13.93 -38.64
CA THR F 224 -9.85 12.68 -38.60
C THR F 224 -8.36 13.03 -38.58
N ASN F 225 -8.00 14.26 -38.97
CA ASN F 225 -6.60 14.74 -38.99
C ASN F 225 -6.14 15.02 -37.57
N ILE F 226 -7.05 15.47 -36.70
CA ILE F 226 -6.72 15.88 -35.31
C ILE F 226 -6.80 14.65 -34.42
N LEU F 227 -5.84 14.50 -33.51
CA LEU F 227 -5.83 13.39 -32.54
C LEU F 227 -6.87 13.68 -31.47
N LYS F 228 -7.39 12.62 -30.87
CA LYS F 228 -8.43 12.73 -29.82
C LYS F 228 -7.82 12.37 -28.47
N ASP F 229 -8.39 12.92 -27.42
CA ASP F 229 -8.05 12.58 -26.02
C ASP F 229 -8.98 11.45 -25.56
N PHE F 230 -8.84 11.06 -24.30
CA PHE F 230 -9.63 9.98 -23.68
C PHE F 230 -11.14 10.27 -23.86
N TRP F 231 -11.57 11.48 -23.54
CA TRP F 231 -13.01 11.87 -23.54
C TRP F 231 -13.56 12.03 -24.95
N GLY F 232 -12.70 12.07 -25.98
CA GLY F 232 -13.12 12.25 -27.39
C GLY F 232 -13.03 13.69 -27.86
N ASN F 233 -12.49 14.58 -27.03
CA ASN F 233 -12.12 15.97 -27.43
C ASN F 233 -10.80 15.94 -28.19
N TYR F 234 -10.41 17.07 -28.75
CA TYR F 234 -9.14 17.21 -29.51
C TYR F 234 -7.98 17.14 -28.53
N LEU F 235 -6.92 16.42 -28.92
CA LEU F 235 -5.65 16.33 -28.17
C LEU F 235 -4.91 17.65 -28.32
N LEU F 236 -4.39 18.20 -27.22
CA LEU F 236 -3.83 19.56 -27.18
C LEU F 236 -2.33 19.51 -26.84
N TYR F 237 -1.63 20.56 -27.24
CA TYR F 237 -0.26 20.88 -26.79
C TYR F 237 -0.35 21.62 -25.45
N ASP F 238 0.71 21.52 -24.64
CA ASP F 238 0.83 22.24 -23.35
C ASP F 238 -0.38 21.92 -22.48
N LYS F 239 -0.79 20.65 -22.45
CA LYS F 239 -1.87 20.16 -21.58
C LYS F 239 -1.37 18.92 -20.83
N GLU F 240 -1.51 18.91 -19.52
CA GLU F 240 -1.14 17.75 -18.66
C GLU F 240 -2.13 16.62 -18.95
N TYR F 241 -1.62 15.42 -19.19
CA TYR F 241 -2.43 14.21 -19.43
C TYR F 241 -1.86 13.07 -18.59
N TYR F 242 -2.74 12.26 -18.05
CA TYR F 242 -2.42 10.89 -17.57
C TYR F 242 -2.40 9.98 -18.77
N LEU F 243 -1.69 8.86 -18.66
CA LEU F 243 -1.58 7.87 -19.74
C LEU F 243 -2.48 6.68 -19.42
N LEU F 244 -3.01 6.07 -20.47
CA LEU F 244 -3.70 4.76 -20.41
C LEU F 244 -3.22 3.92 -21.59
N ASN F 245 -2.68 2.74 -21.32
CA ASN F 245 -2.33 1.73 -22.35
C ASN F 245 -3.57 0.91 -22.67
N VAL F 246 -3.88 0.76 -23.95
CA VAL F 246 -5.14 0.11 -24.42
C VAL F 246 -5.09 -1.38 -24.08
N LEU F 247 -3.92 -2.02 -24.16
CA LEU F 247 -3.80 -3.47 -23.87
C LEU F 247 -3.75 -3.74 -22.36
N LYS F 248 -3.36 -2.76 -21.55
CA LYS F 248 -3.28 -2.88 -20.07
C LYS F 248 -4.11 -1.79 -19.43
N PRO F 249 -5.45 -1.82 -19.57
CA PRO F 249 -6.30 -0.75 -19.04
C PRO F 249 -6.32 -0.71 -17.51
N ASN F 250 -5.99 -1.83 -16.85
CA ASN F 250 -6.03 -1.93 -15.37
C ASN F 250 -4.67 -1.57 -14.78
N ASN F 251 -3.75 -1.06 -15.61
CA ASN F 251 -2.40 -0.64 -15.16
C ASN F 251 -2.17 0.83 -15.55
N PHE F 252 -1.40 1.53 -14.73
CA PHE F 252 -0.94 2.90 -15.02
C PHE F 252 0.58 2.93 -14.99
N ILE F 253 1.12 4.04 -15.49
CA ILE F 253 2.57 4.27 -15.64
C ILE F 253 3.05 5.02 -14.41
N ASP F 254 4.15 4.55 -13.83
CA ASP F 254 4.82 5.26 -12.71
C ASP F 254 6.29 5.45 -13.07
N ARG F 255 6.89 6.42 -12.40
CA ARG F 255 8.32 6.78 -12.54
C ARG F 255 9.13 5.87 -11.61
N ARG F 256 10.32 5.49 -12.07
CA ARG F 256 11.33 4.77 -11.26
C ARG F 256 12.47 5.73 -10.95
N LYS F 257 13.20 5.46 -9.87
CA LYS F 257 14.30 6.33 -9.38
C LYS F 257 15.43 6.36 -10.42
N ASP F 258 15.62 5.29 -11.19
CA ASP F 258 16.67 5.23 -12.24
C ASP F 258 16.17 5.91 -13.52
N SER F 259 15.04 6.62 -13.46
CA SER F 259 14.48 7.47 -14.55
C SER F 259 13.72 6.65 -15.59
N THR F 260 13.47 5.36 -15.34
CA THR F 260 12.68 4.48 -16.24
C THR F 260 11.21 4.59 -15.84
N LEU F 261 10.33 4.00 -16.66
CA LEU F 261 8.87 4.04 -16.45
C LEU F 261 8.35 2.61 -16.28
N SER F 262 7.64 2.36 -15.19
CA SER F 262 7.06 1.04 -14.86
C SER F 262 5.61 1.01 -15.31
N ILE F 263 5.14 -0.17 -15.72
CA ILE F 263 3.71 -0.43 -16.08
C ILE F 263 3.12 -1.52 -15.17
N ASN F 264 3.85 -1.94 -14.14
CA ASN F 264 3.44 -3.03 -13.21
C ASN F 264 2.70 -2.43 -12.00
N ASN F 265 2.00 -1.32 -12.19
CA ASN F 265 1.18 -0.68 -11.12
C ASN F 265 -0.29 -0.92 -11.45
N ILE F 266 -1.01 -1.60 -10.56
CA ILE F 266 -2.45 -1.95 -10.74
C ILE F 266 -3.28 -0.75 -10.29
N ARG F 267 -4.21 -0.32 -11.14
CA ARG F 267 -5.08 0.84 -10.83
C ARG F 267 -6.00 0.44 -9.69
N SER F 268 -6.12 1.30 -8.68
CA SER F 268 -7.17 1.19 -7.64
C SER F 268 -8.55 1.28 -8.30
N THR F 269 -9.57 0.82 -7.59
CA THR F 269 -10.96 0.77 -8.07
C THR F 269 -11.84 1.56 -7.11
N ILE F 270 -12.86 2.22 -7.65
CA ILE F 270 -13.97 2.82 -6.86
C ILE F 270 -15.26 2.13 -7.32
N LEU F 271 -15.58 0.99 -6.70
CA LEU F 271 -16.80 0.18 -6.97
C LEU F 271 -16.75 -0.26 -8.44
N LEU F 272 -15.72 -1.04 -8.78
CA LEU F 272 -15.47 -1.66 -10.12
C LEU F 272 -14.91 -0.65 -11.14
N ALA F 273 -14.89 0.65 -10.83
CA ALA F 273 -14.41 1.70 -11.76
C ALA F 273 -12.91 1.96 -11.48
N ASN F 274 -12.07 1.75 -12.49
CA ASN F 274 -10.62 2.05 -12.40
C ASN F 274 -10.43 3.55 -12.14
N ARG F 275 -9.42 3.89 -11.34
CA ARG F 275 -8.99 5.28 -11.16
C ARG F 275 -8.27 5.74 -12.43
N LEU F 276 -8.73 6.85 -13.02
CA LEU F 276 -8.17 7.39 -14.28
C LEU F 276 -7.08 8.42 -13.99
N TYR F 277 -7.04 8.98 -12.77
CA TYR F 277 -6.14 10.11 -12.42
C TYR F 277 -4.95 9.59 -11.61
N SER F 278 -4.45 8.42 -11.98
CA SER F 278 -3.29 7.76 -11.35
C SER F 278 -2.10 7.76 -12.31
N GLY F 279 -0.89 7.85 -11.74
CA GLY F 279 0.37 7.68 -12.47
C GLY F 279 1.03 8.99 -12.82
N ILE F 280 1.89 8.95 -13.83
CA ILE F 280 2.69 10.11 -14.29
C ILE F 280 1.85 11.00 -15.19
N LYS F 281 2.20 12.28 -15.25
CA LYS F 281 1.61 13.25 -16.20
C LYS F 281 2.62 13.56 -17.28
N VAL F 282 2.14 13.71 -18.52
CA VAL F 282 2.96 14.10 -19.69
C VAL F 282 2.35 15.37 -20.31
N LYS F 283 3.18 16.08 -21.07
CA LYS F 283 2.76 17.23 -21.89
C LYS F 283 3.36 17.07 -23.27
N ILE F 284 2.56 17.37 -24.29
CA ILE F 284 3.00 17.34 -25.71
C ILE F 284 3.42 18.75 -26.11
N GLN F 285 4.63 18.86 -26.64
CA GLN F 285 5.27 20.14 -27.00
C GLN F 285 5.60 20.11 -28.49
N ARG F 286 5.24 21.17 -29.21
CA ARG F 286 5.63 21.37 -30.63
C ARG F 286 7.14 21.47 -30.74
N VAL F 287 7.74 20.75 -31.68
CA VAL F 287 9.20 20.84 -31.96
C VAL F 287 9.48 22.20 -32.61
N ASN F 288 8.69 22.57 -33.62
CA ASN F 288 8.83 23.85 -34.35
C ASN F 288 7.56 24.68 -34.13
N ASN F 289 7.55 25.49 -33.07
CA ASN F 289 6.41 26.37 -32.72
C ASN F 289 6.59 27.73 -33.42
N SER F 290 6.00 27.91 -34.61
CA SER F 290 6.14 29.16 -35.40
C SER F 290 5.00 30.14 -35.04
N SER F 291 4.01 30.28 -35.93
CA SER F 291 2.75 31.06 -35.70
C SER F 291 1.59 30.11 -36.01
N THR F 292 1.81 28.82 -35.69
CA THR F 292 0.86 27.71 -35.89
C THR F 292 -0.32 28.01 -34.98
N ASN F 293 -1.33 28.72 -35.49
CA ASN F 293 -2.50 29.16 -34.70
C ASN F 293 -3.38 27.94 -34.40
N ASP F 294 -2.86 27.00 -33.59
CA ASP F 294 -3.57 25.77 -33.14
C ASP F 294 -2.72 25.15 -32.03
N ASN F 295 -3.38 24.67 -30.97
CA ASN F 295 -2.78 23.89 -29.87
C ASN F 295 -3.22 22.44 -30.08
N LEU F 296 -3.75 22.14 -31.27
CA LEU F 296 -4.29 20.82 -31.64
C LEU F 296 -3.17 19.97 -32.19
N VAL F 297 -3.10 18.71 -31.76
CA VAL F 297 -2.11 17.71 -32.23
C VAL F 297 -2.72 17.01 -33.44
N ARG F 298 -1.99 16.97 -34.56
CA ARG F 298 -2.48 16.38 -35.83
C ARG F 298 -1.62 15.17 -36.18
N LYS F 299 -2.11 14.37 -37.11
CA LYS F 299 -1.42 13.15 -37.59
C LYS F 299 -0.05 13.55 -38.16
N ASN F 300 0.98 12.79 -37.80
CA ASN F 300 2.38 12.94 -38.30
C ASN F 300 2.98 14.27 -37.86
N ASP F 301 2.52 14.83 -36.74
CA ASP F 301 3.15 16.00 -36.09
C ASP F 301 4.44 15.52 -35.41
N GLN F 302 5.48 16.36 -35.45
CA GLN F 302 6.79 16.12 -34.79
C GLN F 302 6.72 16.84 -33.45
N VAL F 303 6.81 16.08 -32.36
CA VAL F 303 6.57 16.62 -30.99
C VAL F 303 7.67 16.15 -30.06
N TYR F 304 7.69 16.77 -28.87
CA TYR F 304 8.41 16.27 -27.68
C TYR F 304 7.36 15.85 -26.66
N ILE F 305 7.59 14.69 -26.05
CA ILE F 305 6.77 14.21 -24.90
C ILE F 305 7.56 14.52 -23.64
N ASN F 306 7.02 15.40 -22.80
CA ASN F 306 7.70 15.83 -21.56
C ASN F 306 7.01 15.18 -20.36
N PHE F 307 7.82 14.66 -19.43
CA PHE F 307 7.36 14.16 -18.11
C PHE F 307 7.23 15.36 -17.17
N VAL F 308 6.13 15.39 -16.42
CA VAL F 308 5.80 16.49 -15.47
C VAL F 308 6.17 16.04 -14.07
N ALA F 309 7.31 16.52 -13.53
CA ALA F 309 7.75 16.26 -12.15
C ALA F 309 6.88 17.08 -11.19
N SER F 310 6.75 18.37 -11.47
CA SER F 310 5.75 19.30 -10.86
C SER F 310 5.23 20.21 -11.97
N LYS F 311 4.27 21.07 -11.65
CA LYS F 311 3.56 21.88 -12.66
C LYS F 311 4.57 22.64 -13.52
N THR F 312 5.65 23.15 -12.91
CA THR F 312 6.62 24.08 -13.56
C THR F 312 7.92 23.36 -13.92
N HIS F 313 7.99 22.04 -13.72
CA HIS F 313 9.21 21.24 -13.94
C HIS F 313 8.92 20.11 -14.93
N LEU F 314 9.24 20.35 -16.20
CA LEU F 314 9.10 19.35 -17.28
C LEU F 314 10.49 18.81 -17.60
N PHE F 315 10.57 17.52 -17.90
CA PHE F 315 11.81 16.84 -18.33
C PHE F 315 11.50 16.06 -19.59
N PRO F 316 12.39 16.12 -20.61
CA PRO F 316 12.20 15.33 -21.82
C PRO F 316 12.11 13.83 -21.50
N LEU F 317 11.20 13.15 -22.18
CA LEU F 317 11.18 11.67 -22.25
C LEU F 317 11.92 11.28 -23.52
N TYR F 318 12.89 10.38 -23.43
CA TYR F 318 13.72 9.94 -24.57
C TYR F 318 13.83 8.41 -24.55
N ALA F 319 14.28 7.85 -25.67
CA ALA F 319 14.60 6.42 -25.79
C ALA F 319 16.09 6.23 -25.54
N ASP F 320 16.45 5.48 -24.49
CA ASP F 320 17.87 5.21 -24.14
C ASP F 320 18.40 4.18 -25.13
N THR F 321 19.15 4.64 -26.13
CA THR F 321 19.71 3.79 -27.21
C THR F 321 21.11 3.28 -26.82
N ALA F 322 21.53 3.47 -25.57
CA ALA F 322 22.83 2.97 -25.06
C ALA F 322 22.64 1.58 -24.45
N THR F 323 22.12 0.64 -25.23
CA THR F 323 21.80 -0.74 -24.79
C THR F 323 21.99 -1.67 -25.98
N THR F 324 22.28 -2.95 -25.72
CA THR F 324 22.40 -4.00 -26.76
C THR F 324 21.03 -4.56 -27.14
N ASN F 325 20.01 -4.32 -26.31
CA ASN F 325 18.62 -4.80 -26.55
C ASN F 325 18.07 -4.12 -27.81
N LYS F 326 17.14 -4.79 -28.49
CA LYS F 326 16.47 -4.26 -29.71
C LYS F 326 15.48 -3.17 -29.28
N GLU F 327 14.69 -3.43 -28.24
CA GLU F 327 13.76 -2.43 -27.66
C GLU F 327 14.56 -1.55 -26.70
N LYS F 328 14.22 -0.26 -26.65
CA LYS F 328 14.94 0.75 -25.86
C LYS F 328 14.02 1.30 -24.79
N THR F 329 14.48 1.31 -23.53
CA THR F 329 13.70 1.80 -22.38
C THR F 329 13.51 3.31 -22.54
N ILE F 330 12.32 3.78 -22.22
CA ILE F 330 12.02 5.24 -22.19
C ILE F 330 12.51 5.76 -20.84
N LYS F 331 13.30 6.83 -20.87
CA LYS F 331 13.88 7.42 -19.64
C LYS F 331 13.48 8.87 -19.54
N ILE F 332 13.60 9.42 -18.34
CA ILE F 332 13.44 10.87 -18.04
C ILE F 332 14.83 11.50 -18.02
N SER F 333 14.98 12.61 -18.74
CA SER F 333 16.25 13.37 -18.83
C SER F 333 16.18 14.53 -17.85
N SER F 334 16.84 14.39 -16.69
CA SER F 334 16.88 15.42 -15.63
C SER F 334 17.66 16.64 -16.10
N SER F 335 18.60 16.47 -17.03
CA SER F 335 19.48 17.56 -17.53
C SER F 335 18.72 18.44 -18.53
N GLY F 336 17.61 17.97 -19.09
CA GLY F 336 16.87 18.66 -20.16
C GLY F 336 17.34 18.25 -21.56
N ASN F 337 18.32 17.35 -21.65
CA ASN F 337 18.85 16.87 -22.95
C ASN F 337 17.78 15.99 -23.61
N ARG F 338 17.50 16.25 -24.89
CA ARG F 338 16.49 15.48 -25.67
C ARG F 338 17.16 14.35 -26.45
N PHE F 339 18.50 14.31 -26.45
CA PHE F 339 19.31 13.19 -27.01
C PHE F 339 19.04 13.03 -28.52
N ASN F 340 18.77 14.15 -29.21
CA ASN F 340 18.67 14.20 -30.69
C ASN F 340 17.52 13.33 -31.18
N GLN F 341 16.41 13.32 -30.46
CA GLN F 341 15.22 12.50 -30.81
C GLN F 341 14.02 13.42 -31.03
N VAL F 342 13.06 12.93 -31.76
CA VAL F 342 11.71 13.54 -31.87
C VAL F 342 10.70 12.42 -31.73
N VAL F 343 9.44 12.80 -31.54
CA VAL F 343 8.31 11.84 -31.51
C VAL F 343 7.36 12.23 -32.64
N VAL F 344 6.92 11.25 -33.40
CA VAL F 344 5.90 11.45 -34.46
C VAL F 344 4.57 10.93 -33.92
N MET F 345 3.59 11.83 -33.77
CA MET F 345 2.23 11.46 -33.32
C MET F 345 1.46 10.89 -34.51
N ASN F 346 0.64 9.88 -34.25
CA ASN F 346 -0.35 9.38 -35.22
C ASN F 346 -1.49 8.78 -34.42
N SER F 347 -2.47 8.21 -35.12
CA SER F 347 -3.72 7.76 -34.47
C SER F 347 -4.37 6.68 -35.32
N VAL F 348 -5.06 5.77 -34.64
CA VAL F 348 -6.07 4.86 -35.24
C VAL F 348 -7.37 5.10 -34.49
N GLY F 349 -8.29 5.87 -35.08
CA GLY F 349 -9.50 6.36 -34.41
C GLY F 349 -9.12 7.18 -33.18
N ASN F 350 -9.56 6.74 -32.01
CA ASN F 350 -9.34 7.44 -30.72
C ASN F 350 -8.04 6.96 -30.05
N ASN F 351 -7.36 5.97 -30.63
CA ASN F 351 -6.11 5.42 -30.04
C ASN F 351 -4.92 6.15 -30.68
N CYS F 352 -3.96 6.55 -29.85
CA CYS F 352 -2.79 7.37 -30.25
C CYS F 352 -1.53 6.50 -30.29
N THR F 353 -0.65 6.84 -31.23
CA THR F 353 0.67 6.19 -31.41
C THR F 353 1.75 7.26 -31.31
N MET F 354 2.84 6.92 -30.64
CA MET F 354 4.02 7.80 -30.52
C MET F 354 5.23 7.03 -31.05
N ASN F 355 5.78 7.51 -32.18
CA ASN F 355 6.98 6.92 -32.84
C ASN F 355 8.21 7.73 -32.44
N PHE F 356 9.05 7.15 -31.59
CA PHE F 356 10.36 7.74 -31.21
C PHE F 356 11.32 7.54 -32.39
N LYS F 357 11.86 8.64 -32.88
CA LYS F 357 12.75 8.64 -34.07
C LYS F 357 14.00 9.46 -33.76
N ASN F 358 15.09 9.12 -34.45
CA ASN F 358 16.33 9.92 -34.43
C ASN F 358 16.14 11.11 -35.38
N ASN F 359 16.79 12.23 -35.06
CA ASN F 359 16.73 13.47 -35.89
C ASN F 359 17.32 13.22 -37.27
N ASN F 360 18.16 12.20 -37.43
CA ASN F 360 18.73 11.82 -38.76
C ASN F 360 17.69 11.08 -39.61
N GLY F 361 16.48 10.83 -39.09
CA GLY F 361 15.35 10.24 -39.83
C GLY F 361 15.14 8.78 -39.50
N ASN F 362 15.93 8.24 -38.58
CA ASN F 362 15.95 6.78 -38.30
C ASN F 362 14.86 6.45 -37.28
N ASN F 363 14.28 5.25 -37.39
CA ASN F 363 13.21 4.77 -36.49
C ASN F 363 13.85 4.14 -35.25
N ILE F 364 13.36 4.51 -34.06
CA ILE F 364 13.75 3.89 -32.77
C ILE F 364 12.61 2.98 -32.31
N GLY F 365 11.36 3.43 -32.40
CA GLY F 365 10.21 2.52 -32.22
C GLY F 365 8.99 3.20 -31.65
N LEU F 366 7.83 2.57 -31.83
CA LEU F 366 6.58 3.03 -31.18
C LEU F 366 6.70 2.84 -29.67
N LEU F 367 6.04 3.72 -28.93
CA LEU F 367 5.94 3.62 -27.46
C LEU F 367 5.04 2.43 -27.12
N GLY F 368 5.58 1.45 -26.41
CA GLY F 368 4.83 0.26 -25.97
C GLY F 368 5.35 -0.18 -24.62
N PHE F 369 5.45 -1.49 -24.40
CA PHE F 369 5.99 -2.03 -23.14
C PHE F 369 6.58 -3.42 -23.39
N LYS F 370 7.59 -3.75 -22.59
CA LYS F 370 8.23 -5.08 -22.54
C LYS F 370 8.42 -5.45 -21.07
N ALA F 371 7.87 -6.59 -20.68
CA ALA F 371 7.80 -7.06 -19.28
C ALA F 371 7.01 -6.03 -18.46
N ASP F 372 7.71 -5.20 -17.67
CA ASP F 372 7.09 -4.25 -16.71
C ASP F 372 7.58 -2.83 -16.95
N THR F 373 8.28 -2.58 -18.06
CA THR F 373 8.94 -1.27 -18.32
C THR F 373 8.40 -0.70 -19.64
N VAL F 374 8.18 0.60 -19.70
CA VAL F 374 7.75 1.33 -20.93
C VAL F 374 8.97 1.42 -21.83
N VAL F 375 8.81 1.04 -23.10
CA VAL F 375 9.93 0.96 -24.08
C VAL F 375 9.50 1.55 -25.42
N ALA F 376 10.47 1.71 -26.31
CA ALA F 376 10.26 1.97 -27.75
C ALA F 376 10.66 0.70 -28.49
N SER F 377 9.78 0.22 -29.37
CA SER F 377 9.97 -1.06 -30.10
C SER F 377 9.52 -0.90 -31.55
N THR F 378 10.33 -1.42 -32.48
CA THR F 378 10.02 -1.42 -33.93
C THR F 378 9.11 -2.60 -34.25
N TRP F 379 9.04 -3.60 -33.36
CA TRP F 379 8.21 -4.81 -33.53
C TRP F 379 6.79 -4.42 -33.92
N TYR F 380 6.20 -3.43 -33.24
CA TYR F 380 4.81 -2.97 -33.50
C TYR F 380 4.62 -2.65 -34.99
N TYR F 381 5.62 -2.06 -35.66
CA TYR F 381 5.53 -1.64 -37.09
C TYR F 381 4.86 -2.74 -37.92
N THR F 382 5.22 -4.01 -37.69
CA THR F 382 4.77 -5.17 -38.50
C THR F 382 3.73 -6.01 -37.75
N HIS F 383 3.23 -5.56 -36.60
CA HIS F 383 2.24 -6.31 -35.79
C HIS F 383 1.22 -5.34 -35.21
N MET F 384 0.72 -4.39 -36.00
CA MET F 384 -0.12 -3.30 -35.48
C MET F 384 -1.60 -3.70 -35.48
N ARG F 385 -1.98 -4.73 -36.24
CA ARG F 385 -3.40 -5.12 -36.41
C ARG F 385 -3.66 -6.51 -35.83
N ASP F 386 -2.95 -7.55 -36.31
CA ASP F 386 -3.31 -8.97 -36.06
C ASP F 386 -2.26 -9.62 -35.16
N HIS F 387 -2.41 -9.43 -33.86
CA HIS F 387 -1.55 -10.05 -32.81
C HIS F 387 -2.20 -9.82 -31.44
N THR F 388 -1.98 -10.75 -30.52
CA THR F 388 -2.49 -10.65 -29.13
C THR F 388 -1.98 -9.35 -28.49
N ASN F 389 -0.74 -8.96 -28.80
CA ASN F 389 0.00 -7.86 -28.13
C ASN F 389 -0.02 -6.59 -28.98
N SER F 390 -0.77 -6.58 -30.10
CA SER F 390 -0.76 -5.49 -31.11
C SER F 390 -1.14 -4.16 -30.44
N ASN F 391 -2.12 -4.15 -29.56
CA ASN F 391 -2.70 -2.90 -28.97
C ASN F 391 -1.78 -2.32 -27.89
N GLY F 392 -0.61 -2.93 -27.66
CA GLY F 392 0.37 -2.43 -26.66
C GLY F 392 0.96 -1.08 -27.05
N CYS F 393 0.95 -0.74 -28.35
CA CYS F 393 1.49 0.54 -28.90
C CYS F 393 0.41 1.64 -28.92
N PHE F 394 -0.79 1.38 -28.40
CA PHE F 394 -1.92 2.34 -28.43
C PHE F 394 -2.11 2.97 -27.05
N TRP F 395 -2.35 4.28 -27.03
CA TRP F 395 -2.40 5.09 -25.79
C TRP F 395 -3.58 6.05 -25.84
N ASN F 396 -4.13 6.32 -24.66
CA ASN F 396 -5.18 7.34 -24.45
C ASN F 396 -4.62 8.39 -23.49
N PHE F 397 -4.98 9.65 -23.73
CA PHE F 397 -4.52 10.80 -22.92
C PHE F 397 -5.69 11.29 -22.09
N ILE F 398 -5.60 11.12 -20.77
CA ILE F 398 -6.72 11.41 -19.83
C ILE F 398 -6.45 12.77 -19.23
N SER F 399 -7.33 13.73 -19.50
CA SER F 399 -7.28 15.08 -18.87
C SER F 399 -8.09 15.05 -17.58
N GLU F 400 -7.51 15.58 -16.50
CA GLU F 400 -8.22 15.73 -15.20
C GLU F 400 -9.27 16.82 -15.39
N GLU F 401 -10.55 16.46 -15.30
CA GLU F 401 -11.70 17.35 -15.57
C GLU F 401 -12.73 17.24 -14.44
N HIS F 402 -13.67 18.17 -14.43
CA HIS F 402 -14.73 18.30 -13.39
C HIS F 402 -15.80 17.21 -13.59
N GLY F 403 -16.03 16.77 -14.83
CA GLY F 403 -17.10 15.82 -15.17
C GLY F 403 -16.78 14.40 -14.73
N TRP F 404 -15.53 14.13 -14.33
CA TRP F 404 -15.10 12.83 -13.76
C TRP F 404 -14.36 13.09 -12.45
N GLN F 405 -15.03 12.85 -11.33
CA GLN F 405 -14.48 13.10 -9.98
C GLN F 405 -14.16 11.75 -9.33
N GLU F 406 -12.94 11.63 -8.82
CA GLU F 406 -12.51 10.46 -8.02
C GLU F 406 -11.62 11.00 -6.91
N LYS F 407 -11.86 10.57 -5.68
CA LYS F 407 -11.11 11.02 -4.49
C LYS F 407 -10.82 9.83 -3.58
#